data_1Q7D
# 
_entry.id   1Q7D 
# 
_audit_conform.dict_name       mmcif_pdbx.dic 
_audit_conform.dict_version    5.403 
_audit_conform.dict_location   http://mmcif.pdb.org/dictionaries/ascii/mmcif_pdbx.dic 
# 
loop_
_database_2.database_id 
_database_2.database_code 
_database_2.pdbx_database_accession 
_database_2.pdbx_DOI 
PDB   1Q7D         pdb_00001q7d 10.2210/pdb1q7d/pdb 
RCSB  RCSB020008   ?            ?                   
WWPDB D_1000020008 ?            ?                   
# 
loop_
_pdbx_audit_revision_history.ordinal 
_pdbx_audit_revision_history.data_content_type 
_pdbx_audit_revision_history.major_revision 
_pdbx_audit_revision_history.minor_revision 
_pdbx_audit_revision_history.revision_date 
_pdbx_audit_revision_history.part_number 
1 'Structure model' 1 0 2004-01-13 ? 
2 'Structure model' 1 1 2008-04-29 ? 
3 'Structure model' 1 2 2011-07-13 ? 
4 'Structure model' 1 3 2025-03-26 ? 
# 
_pdbx_audit_revision_details.ordinal             1 
_pdbx_audit_revision_details.revision_ordinal    1 
_pdbx_audit_revision_details.data_content_type   'Structure model' 
_pdbx_audit_revision_details.provider            repository 
_pdbx_audit_revision_details.type                'Initial release' 
_pdbx_audit_revision_details.description         ? 
_pdbx_audit_revision_details.details             ? 
# 
loop_
_pdbx_audit_revision_group.ordinal 
_pdbx_audit_revision_group.revision_ordinal 
_pdbx_audit_revision_group.data_content_type 
_pdbx_audit_revision_group.group 
1 2 'Structure model' 'Version format compliance' 
2 3 'Structure model' 'Version format compliance' 
3 4 'Structure model' 'Data collection'           
4 4 'Structure model' 'Database references'       
5 4 'Structure model' 'Derived calculations'      
6 4 'Structure model' 'Structure summary'         
# 
loop_
_pdbx_audit_revision_category.ordinal 
_pdbx_audit_revision_category.revision_ordinal 
_pdbx_audit_revision_category.data_content_type 
_pdbx_audit_revision_category.category 
1 4 'Structure model' chem_comp_atom            
2 4 'Structure model' chem_comp_bond            
3 4 'Structure model' database_2                
4 4 'Structure model' pdbx_entry_details        
5 4 'Structure model' pdbx_modification_feature 
6 4 'Structure model' struct_conn               
7 4 'Structure model' struct_ref_seq_dif        
8 4 'Structure model' struct_site               
# 
loop_
_pdbx_audit_revision_item.ordinal 
_pdbx_audit_revision_item.revision_ordinal 
_pdbx_audit_revision_item.data_content_type 
_pdbx_audit_revision_item.item 
1  4 'Structure model' '_database_2.pdbx_DOI'                
2  4 'Structure model' '_database_2.pdbx_database_accession' 
3  4 'Structure model' '_struct_conn.pdbx_dist_value'        
4  4 'Structure model' '_struct_conn.pdbx_leaving_atom_flag' 
5  4 'Structure model' '_struct_conn.ptnr1_auth_asym_id'     
6  4 'Structure model' '_struct_conn.ptnr1_auth_comp_id'     
7  4 'Structure model' '_struct_conn.ptnr1_auth_seq_id'      
8  4 'Structure model' '_struct_conn.ptnr1_label_asym_id'    
9  4 'Structure model' '_struct_conn.ptnr1_label_comp_id'    
10 4 'Structure model' '_struct_conn.ptnr1_label_seq_id'     
11 4 'Structure model' '_struct_conn.ptnr2_auth_asym_id'     
12 4 'Structure model' '_struct_conn.ptnr2_auth_comp_id'     
13 4 'Structure model' '_struct_conn.ptnr2_auth_seq_id'      
14 4 'Structure model' '_struct_conn.ptnr2_label_asym_id'    
15 4 'Structure model' '_struct_conn.ptnr2_label_comp_id'    
16 4 'Structure model' '_struct_conn.ptnr2_label_seq_id'     
17 4 'Structure model' '_struct_ref_seq_dif.details'         
18 4 'Structure model' '_struct_site.pdbx_auth_asym_id'      
19 4 'Structure model' '_struct_site.pdbx_auth_comp_id'      
20 4 'Structure model' '_struct_site.pdbx_auth_seq_id'       
# 
_pdbx_database_status.status_code                     REL 
_pdbx_database_status.entry_id                        1Q7D 
_pdbx_database_status.recvd_initial_deposition_date   2003-08-18 
_pdbx_database_status.deposit_site                    RCSB 
_pdbx_database_status.process_site                    RCSB 
_pdbx_database_status.status_code_sf                  REL 
_pdbx_database_status.SG_entry                        . 
_pdbx_database_status.pdb_format_compatible           Y 
_pdbx_database_status.status_code_mr                  ? 
_pdbx_database_status.status_code_cs                  ? 
_pdbx_database_status.status_code_nmr_data            ? 
_pdbx_database_status.methods_development_category    ? 
# 
_pdbx_database_related.db_name        PDB 
_pdbx_database_related.db_id          1dzi 
_pdbx_database_related.details        'The same collagen peptide in complex with integrin a2 I domain' 
_pdbx_database_related.content_type   unspecified 
# 
loop_
_audit_author.name 
_audit_author.pdbx_ordinal 
'Emsley, J.'     1 
'Knight, C.G.'   2 
'Farndale, R.W.' 3 
'Barnes, M.J.'   4 
# 
_citation.id                        primary 
_citation.title                     'Structure of the Integrin alpha2beta1-binding Collagen Peptide.' 
_citation.journal_abbrev            J.Mol.Biol. 
_citation.journal_volume            335 
_citation.page_first                1019 
_citation.page_last                 1028 
_citation.year                      2004 
_citation.journal_id_ASTM           JMOBAK 
_citation.country                   UK 
_citation.journal_id_ISSN           0022-2836 
_citation.journal_id_CSD            0070 
_citation.book_publisher            ? 
_citation.pdbx_database_id_PubMed   14698296 
_citation.pdbx_database_id_DOI      10.1016/j.jmb.2003.11.030 
# 
loop_
_citation_author.citation_id 
_citation_author.name 
_citation_author.ordinal 
_citation_author.identifier_ORCID 
primary 'Emsley, J.'     1 ? 
primary 'Knight, C.G.'   2 ? 
primary 'Farndale, R.W.' 3 ? 
primary 'Barnes, M.J.'   4 ? 
# 
loop_
_entity.id 
_entity.type 
_entity.src_method 
_entity.pdbx_description 
_entity.formula_weight 
_entity.pdbx_number_of_molecules 
_entity.pdbx_ec 
_entity.pdbx_mutation 
_entity.pdbx_fragment 
_entity.details 
1 polymer syn 'collagen alfa 1(I) chain peptide GPOGPOGFOGERGPOGPOGPO' 2039.167 3  ? ? ? ? 
2 water   nat water                                                    18.015   94 ? ? ? ? 
# 
_entity_poly.entity_id                      1 
_entity_poly.type                           'polypeptide(L)' 
_entity_poly.nstd_linkage                   no 
_entity_poly.nstd_monomer                   yes 
_entity_poly.pdbx_seq_one_letter_code       '(ACE)GP(HYP)GP(HYP)GF(HYP)GERGP(HYP)GP(HYP)GP(HYP)(NH2)' 
_entity_poly.pdbx_seq_one_letter_code_can   XGPPGPPGFPGERGPPGPPGPPX 
_entity_poly.pdbx_strand_id                 A,B,C 
_entity_poly.pdbx_target_identifier         ? 
# 
_pdbx_entity_nonpoly.entity_id   2 
_pdbx_entity_nonpoly.name        water 
_pdbx_entity_nonpoly.comp_id     HOH 
# 
loop_
_entity_poly_seq.entity_id 
_entity_poly_seq.num 
_entity_poly_seq.mon_id 
_entity_poly_seq.hetero 
1 1  ACE n 
1 2  GLY n 
1 3  PRO n 
1 4  HYP n 
1 5  GLY n 
1 6  PRO n 
1 7  HYP n 
1 8  GLY n 
1 9  PHE n 
1 10 HYP n 
1 11 GLY n 
1 12 GLU n 
1 13 ARG n 
1 14 GLY n 
1 15 PRO n 
1 16 HYP n 
1 17 GLY n 
1 18 PRO n 
1 19 HYP n 
1 20 GLY n 
1 21 PRO n 
1 22 HYP n 
1 23 NH2 n 
# 
_pdbx_entity_src_syn.entity_id              1 
_pdbx_entity_src_syn.pdbx_src_id            1 
_pdbx_entity_src_syn.pdbx_alt_source_flag   sample 
_pdbx_entity_src_syn.pdbx_beg_seq_num       ? 
_pdbx_entity_src_syn.pdbx_end_seq_num       ? 
_pdbx_entity_src_syn.organism_scientific    ? 
_pdbx_entity_src_syn.organism_common_name   ? 
_pdbx_entity_src_syn.ncbi_taxonomy_id       ? 
_pdbx_entity_src_syn.details                
;THE PEPTIDE WAS CHEMICALLY SYNTHESIZED. THE SEQUENCE OF THE PEPTIDE IS NATURALLY FOUND IN HOMO SAPIENS (HUMAN). PEPTIDE SYNTHESISED USING STANDARD FMOC SYNTHESIS
;
# 
loop_
_chem_comp.id 
_chem_comp.type 
_chem_comp.mon_nstd_flag 
_chem_comp.name 
_chem_comp.pdbx_synonyms 
_chem_comp.formula 
_chem_comp.formula_weight 
ACE non-polymer         . 'ACETYL GROUP'   ?              'C2 H4 O'        44.053  
ARG 'L-peptide linking' y ARGININE         ?              'C6 H15 N4 O2 1' 175.209 
GLU 'L-peptide linking' y 'GLUTAMIC ACID'  ?              'C5 H9 N O4'     147.129 
GLY 'peptide linking'   y GLYCINE          ?              'C2 H5 N O2'     75.067  
HOH non-polymer         . WATER            ?              'H2 O'           18.015  
HYP 'L-peptide linking' n 4-HYDROXYPROLINE HYDROXYPROLINE 'C5 H9 N O3'     131.130 
NH2 non-polymer         . 'AMINO GROUP'    ?              'H2 N'           16.023  
PHE 'L-peptide linking' y PHENYLALANINE    ?              'C9 H11 N O2'    165.189 
PRO 'L-peptide linking' y PROLINE          ?              'C5 H9 N O2'     115.130 
# 
loop_
_pdbx_poly_seq_scheme.asym_id 
_pdbx_poly_seq_scheme.entity_id 
_pdbx_poly_seq_scheme.seq_id 
_pdbx_poly_seq_scheme.mon_id 
_pdbx_poly_seq_scheme.ndb_seq_num 
_pdbx_poly_seq_scheme.pdb_seq_num 
_pdbx_poly_seq_scheme.auth_seq_num 
_pdbx_poly_seq_scheme.pdb_mon_id 
_pdbx_poly_seq_scheme.auth_mon_id 
_pdbx_poly_seq_scheme.pdb_strand_id 
_pdbx_poly_seq_scheme.pdb_ins_code 
_pdbx_poly_seq_scheme.hetero 
A 1 1  ACE 1  1  1  ACE ACE A . n 
A 1 2  GLY 2  2  2  GLY GLY A . n 
A 1 3  PRO 3  3  3  PRO PRO A . n 
A 1 4  HYP 4  4  4  HYP HYP A . n 
A 1 5  GLY 5  5  5  GLY GLY A . n 
A 1 6  PRO 6  6  6  PRO PRO A . n 
A 1 7  HYP 7  7  7  HYP HYP A . n 
A 1 8  GLY 8  8  8  GLY GLY A . n 
A 1 9  PHE 9  9  9  PHE PHE A . n 
A 1 10 HYP 10 10 10 HYP HYP A . n 
A 1 11 GLY 11 11 11 GLY GLY A . n 
A 1 12 GLU 12 12 12 GLU GLU A . n 
A 1 13 ARG 13 13 13 ARG ARG A . n 
A 1 14 GLY 14 14 14 GLY GLY A . n 
A 1 15 PRO 15 15 15 PRO PRO A . n 
A 1 16 HYP 16 16 16 HYP HYP A . n 
A 1 17 GLY 17 17 17 GLY GLY A . n 
A 1 18 PRO 18 18 18 PRO PRO A . n 
A 1 19 HYP 19 19 19 HYP HYP A . n 
A 1 20 GLY 20 20 20 GLY GLY A . n 
A 1 21 PRO 21 21 21 PRO PRO A . n 
A 1 22 HYP 22 22 22 HYP HYP A . n 
A 1 23 NH2 23 23 23 NH2 NH2 A . n 
B 1 1  ACE 1  1  1  ACE ACE B . n 
B 1 2  GLY 2  2  2  GLY GLY B . n 
B 1 3  PRO 3  3  3  PRO PRO B . n 
B 1 4  HYP 4  4  4  HYP HYP B . n 
B 1 5  GLY 5  5  5  GLY GLY B . n 
B 1 6  PRO 6  6  6  PRO PRO B . n 
B 1 7  HYP 7  7  7  HYP HYP B . n 
B 1 8  GLY 8  8  8  GLY GLY B . n 
B 1 9  PHE 9  9  9  PHE PHE B . n 
B 1 10 HYP 10 10 10 HYP HYP B . n 
B 1 11 GLY 11 11 11 GLY GLY B . n 
B 1 12 GLU 12 12 12 GLU GLU B . n 
B 1 13 ARG 13 13 13 ARG ARG B . n 
B 1 14 GLY 14 14 14 GLY GLY B . n 
B 1 15 PRO 15 15 15 PRO PRO B . n 
B 1 16 HYP 16 16 16 HYP HYP B . n 
B 1 17 GLY 17 17 17 GLY GLY B . n 
B 1 18 PRO 18 18 18 PRO PRO B . n 
B 1 19 HYP 19 19 19 HYP HYP B . n 
B 1 20 GLY 20 20 20 GLY GLY B . n 
B 1 21 PRO 21 21 21 PRO PRO B . n 
B 1 22 HYP 22 22 22 HYP HYP B . n 
B 1 23 NH2 23 23 23 NH2 NH2 B . n 
C 1 1  ACE 1  1  1  ACE ACE C . n 
C 1 2  GLY 2  2  2  GLY GLY C . n 
C 1 3  PRO 3  3  3  PRO PRO C . n 
C 1 4  HYP 4  4  4  HYP HYP C . n 
C 1 5  GLY 5  5  5  GLY GLY C . n 
C 1 6  PRO 6  6  6  PRO PRO C . n 
C 1 7  HYP 7  7  7  HYP HYP C . n 
C 1 8  GLY 8  8  8  GLY GLY C . n 
C 1 9  PHE 9  9  9  PHE PHE C . n 
C 1 10 HYP 10 10 10 HYP HYP C . n 
C 1 11 GLY 11 11 11 GLY GLY C . n 
C 1 12 GLU 12 12 12 GLU GLU C . n 
C 1 13 ARG 13 13 13 ARG ARG C . n 
C 1 14 GLY 14 14 14 GLY GLY C . n 
C 1 15 PRO 15 15 15 PRO PRO C . n 
C 1 16 HYP 16 16 16 HYP HYP C . n 
C 1 17 GLY 17 17 17 GLY GLY C . n 
C 1 18 PRO 18 18 18 PRO PRO C . n 
C 1 19 HYP 19 19 19 HYP HYP C . n 
C 1 20 GLY 20 20 20 GLY GLY C . n 
C 1 21 PRO 21 21 21 PRO PRO C . n 
C 1 22 HYP 22 22 ?  ?   ?   C . n 
C 1 23 NH2 23 23 ?  ?   ?   C . n 
# 
loop_
_pdbx_nonpoly_scheme.asym_id 
_pdbx_nonpoly_scheme.entity_id 
_pdbx_nonpoly_scheme.mon_id 
_pdbx_nonpoly_scheme.ndb_seq_num 
_pdbx_nonpoly_scheme.pdb_seq_num 
_pdbx_nonpoly_scheme.auth_seq_num 
_pdbx_nonpoly_scheme.pdb_mon_id 
_pdbx_nonpoly_scheme.auth_mon_id 
_pdbx_nonpoly_scheme.pdb_strand_id 
_pdbx_nonpoly_scheme.pdb_ins_code 
D 2 HOH 1  24  24  HOH HOH A . 
D 2 HOH 2  25  25  HOH HOH A . 
D 2 HOH 3  29  29  HOH HOH A . 
D 2 HOH 4  33  33  HOH HOH A . 
D 2 HOH 5  42  42  HOH HOH A . 
D 2 HOH 6  45  45  HOH HOH A . 
D 2 HOH 7  48  48  HOH HOH A . 
D 2 HOH 8  49  49  HOH HOH A . 
D 2 HOH 9  51  51  HOH HOH A . 
D 2 HOH 10 55  55  HOH HOH A . 
D 2 HOH 11 57  57  HOH HOH A . 
D 2 HOH 12 58  58  HOH HOH A . 
D 2 HOH 13 59  59  HOH HOH A . 
D 2 HOH 14 60  60  HOH HOH A . 
D 2 HOH 15 63  63  HOH HOH A . 
D 2 HOH 16 64  64  HOH HOH A . 
D 2 HOH 17 75  75  HOH HOH A . 
D 2 HOH 18 76  76  HOH HOH A . 
D 2 HOH 19 77  77  HOH HOH A . 
D 2 HOH 20 78  78  HOH HOH A . 
D 2 HOH 21 79  79  HOH HOH A . 
D 2 HOH 22 80  80  HOH HOH A . 
D 2 HOH 23 81  81  HOH HOH A . 
D 2 HOH 24 82  82  HOH HOH A . 
D 2 HOH 25 83  83  HOH HOH A . 
D 2 HOH 26 91  91  HOH HOH A . 
D 2 HOH 27 94  94  HOH HOH A . 
D 2 HOH 28 101 101 HOH HOH A . 
D 2 HOH 29 108 108 HOH HOH A . 
D 2 HOH 30 111 111 HOH HOH A . 
D 2 HOH 31 113 113 HOH HOH A . 
D 2 HOH 32 129 129 HOH HOH A . 
E 2 HOH 1  26  26  HOH HOH B . 
E 2 HOH 2  32  32  HOH HOH B . 
E 2 HOH 3  35  35  HOH HOH B . 
E 2 HOH 4  36  36  HOH HOH B . 
E 2 HOH 5  43  43  HOH HOH B . 
E 2 HOH 6  44  44  HOH HOH B . 
E 2 HOH 7  47  47  HOH HOH B . 
E 2 HOH 8  52  52  HOH HOH B . 
E 2 HOH 9  53  53  HOH HOH B . 
E 2 HOH 10 61  61  HOH HOH B . 
E 2 HOH 11 67  67  HOH HOH B . 
E 2 HOH 12 70  70  HOH HOH B . 
E 2 HOH 13 74  74  HOH HOH B . 
E 2 HOH 14 84  84  HOH HOH B . 
E 2 HOH 15 86  86  HOH HOH B . 
E 2 HOH 16 87  87  HOH HOH B . 
E 2 HOH 17 88  88  HOH HOH B . 
E 2 HOH 18 89  89  HOH HOH B . 
E 2 HOH 19 90  90  HOH HOH B . 
E 2 HOH 20 95  95  HOH HOH B . 
E 2 HOH 21 97  97  HOH HOH B . 
E 2 HOH 22 98  98  HOH HOH B . 
E 2 HOH 23 99  99  HOH HOH B . 
E 2 HOH 24 102 102 HOH HOH B . 
E 2 HOH 25 106 106 HOH HOH B . 
E 2 HOH 26 107 107 HOH HOH B . 
E 2 HOH 27 115 115 HOH HOH B . 
E 2 HOH 28 116 116 HOH HOH B . 
E 2 HOH 29 118 118 HOH HOH B . 
E 2 HOH 30 119 119 HOH HOH B . 
E 2 HOH 31 122 122 HOH HOH B . 
E 2 HOH 32 123 123 HOH HOH B . 
F 2 HOH 1  27  27  HOH HOH C . 
F 2 HOH 2  28  28  HOH HOH C . 
F 2 HOH 3  30  30  HOH HOH C . 
F 2 HOH 4  31  31  HOH HOH C . 
F 2 HOH 5  37  37  HOH HOH C . 
F 2 HOH 6  38  38  HOH HOH C . 
F 2 HOH 7  39  39  HOH HOH C . 
F 2 HOH 8  41  41  HOH HOH C . 
F 2 HOH 9  46  46  HOH HOH C . 
F 2 HOH 10 50  50  HOH HOH C . 
F 2 HOH 11 54  54  HOH HOH C . 
F 2 HOH 12 62  62  HOH HOH C . 
F 2 HOH 13 65  65  HOH HOH C . 
F 2 HOH 14 71  71  HOH HOH C . 
F 2 HOH 15 92  92  HOH HOH C . 
F 2 HOH 16 93  93  HOH HOH C . 
F 2 HOH 17 96  96  HOH HOH C . 
F 2 HOH 18 100 100 HOH HOH C . 
F 2 HOH 19 104 104 HOH HOH C . 
F 2 HOH 20 110 110 HOH HOH C . 
F 2 HOH 21 112 112 HOH HOH C . 
F 2 HOH 22 114 114 HOH HOH C . 
F 2 HOH 23 117 117 HOH HOH C . 
F 2 HOH 24 120 120 HOH HOH C . 
F 2 HOH 25 121 121 HOH HOH C . 
F 2 HOH 26 124 124 HOH HOH C . 
F 2 HOH 27 125 125 HOH HOH C . 
F 2 HOH 28 126 126 HOH HOH C . 
F 2 HOH 29 127 127 HOH HOH C . 
F 2 HOH 30 128 128 HOH HOH C . 
# 
loop_
_software.name 
_software.classification 
_software.version 
_software.citation_id 
_software.pdbx_ordinal 
MOSFLM 'data reduction' .         ? 1 
SCALA  'data scaling'   .         ? 2 
AMoRE  phasing          .         ? 3 
CNS    refinement       1.0       ? 4 
CCP4   'data scaling'   '(SCALA)' ? 5 
# 
_cell.entry_id           1Q7D 
_cell.length_a           29.600 
_cell.length_b           135.800 
_cell.length_c           25.400 
_cell.angle_alpha        90.00 
_cell.angle_beta         90.00 
_cell.angle_gamma        90.00 
_cell.Z_PDB              24 
_cell.pdbx_unique_axis   ? 
# 
_symmetry.entry_id                         1Q7D 
_symmetry.space_group_name_H-M             'C 2 2 21' 
_symmetry.pdbx_full_space_group_name_H-M   ? 
_symmetry.cell_setting                     ? 
_symmetry.Int_Tables_number                20 
# 
_exptl.entry_id          1Q7D 
_exptl.method            'X-RAY DIFFRACTION' 
_exptl.crystals_number   1 
# 
_exptl_crystal.id                    1 
_exptl_crystal.density_meas          ? 
_exptl_crystal.density_Matthews      2.12 
_exptl_crystal.density_percent_sol   41.66 
_exptl_crystal.description           ? 
# 
_exptl_crystal_grow.crystal_id      1 
_exptl_crystal_grow.method          'VAPOR DIFFUSION, SITTING DROP' 
_exptl_crystal_grow.temp            277 
_exptl_crystal_grow.temp_details    ? 
_exptl_crystal_grow.pH              8.0 
_exptl_crystal_grow.pdbx_details    'PEG 8K, pH 8.0, VAPOR DIFFUSION, SITTING DROP, temperature 277K' 
_exptl_crystal_grow.pdbx_pH_range   . 
# 
_diffrn.id                     1 
_diffrn.ambient_temp           85 
_diffrn.ambient_temp_details   ? 
_diffrn.crystal_id             1 
# 
_diffrn_detector.diffrn_id              1 
_diffrn_detector.detector               CCD 
_diffrn_detector.type                   MARRESEARCH 
_diffrn_detector.pdbx_collection_date   2001-01-06 
_diffrn_detector.details                ? 
# 
_diffrn_radiation.diffrn_id                        1 
_diffrn_radiation.wavelength_id                    1 
_diffrn_radiation.pdbx_monochromatic_or_laue_m_l   M 
_diffrn_radiation.monochromator                    ? 
_diffrn_radiation.pdbx_diffrn_protocol             'SINGLE WAVELENGTH' 
_diffrn_radiation.pdbx_scattering_type             x-ray 
# 
_diffrn_radiation_wavelength.id           1 
_diffrn_radiation_wavelength.wavelength   1.0 
_diffrn_radiation_wavelength.wt           1.0 
# 
_diffrn_source.diffrn_id                   1 
_diffrn_source.source                      SYNCHROTRON 
_diffrn_source.type                        'ESRF BEAMLINE ID13' 
_diffrn_source.pdbx_synchrotron_site       ESRF 
_diffrn_source.pdbx_synchrotron_beamline   ID13 
_diffrn_source.pdbx_wavelength             ? 
_diffrn_source.pdbx_wavelength_list        1.0 
# 
_reflns.entry_id                     1Q7D 
_reflns.observed_criterion_sigma_F   0 
_reflns.observed_criterion_sigma_I   0 
_reflns.d_resolution_high            1.8 
_reflns.d_resolution_low             20 
_reflns.number_all                   5060 
_reflns.number_obs                   5060 
_reflns.percent_possible_obs         99.1 
_reflns.pdbx_Rmerge_I_obs            0.105 
_reflns.pdbx_Rsym_value              0.105 
_reflns.pdbx_netI_over_sigmaI        12.9 
_reflns.B_iso_Wilson_estimate        0.8 
_reflns.pdbx_redundancy              6.6 
_reflns.R_free_details               ? 
_reflns.limit_h_max                  ? 
_reflns.limit_h_min                  ? 
_reflns.limit_k_max                  ? 
_reflns.limit_k_min                  ? 
_reflns.limit_l_max                  ? 
_reflns.limit_l_min                  ? 
_reflns.observed_criterion_F_max     ? 
_reflns.observed_criterion_F_min     ? 
_reflns.pdbx_diffrn_id               1 
_reflns.pdbx_ordinal                 1 
# 
_reflns_shell.d_res_high             1.8 
_reflns_shell.d_res_low              1.9 
_reflns_shell.percent_possible_all   95.2 
_reflns_shell.Rmerge_I_obs           0.355 
_reflns_shell.pdbx_Rsym_value        0.355 
_reflns_shell.meanI_over_sigI_obs    5.0 
_reflns_shell.pdbx_redundancy        4.8 
_reflns_shell.percent_possible_obs   ? 
_reflns_shell.number_unique_all      689 
_reflns_shell.pdbx_diffrn_id         ? 
_reflns_shell.pdbx_ordinal           1 
# 
_refine.entry_id                                 1Q7D 
_refine.ls_d_res_high                            1.8 
_refine.ls_d_res_low                             6.0 
_refine.pdbx_ls_sigma_F                          1 
_refine.pdbx_ls_sigma_I                          1 
_refine.ls_number_reflns_all                     4923 
_refine.ls_number_reflns_obs                     4865 
_refine.ls_number_reflns_R_free                  265 
_refine.ls_percent_reflns_obs                    5.4 
_refine.ls_R_factor_all                          ? 
_refine.ls_R_factor_obs                          0.2363 
_refine.ls_R_factor_R_work                       0.2363 
_refine.ls_R_factor_R_free                       0.266 
_refine.ls_redundancy_reflns_obs                 ? 
_refine.pdbx_data_cutoff_high_absF               ? 
_refine.pdbx_data_cutoff_low_absF                ? 
_refine.ls_number_parameters                     ? 
_refine.ls_number_restraints                     ? 
_refine.ls_percent_reflns_R_free                 ? 
_refine.ls_R_factor_R_free_error                 ? 
_refine.ls_R_factor_R_free_error_details         ? 
_refine.pdbx_method_to_determine_struct          'MOLECULAR REPLACEMENT' 
_refine.pdbx_starting_model                      ? 
_refine.pdbx_ls_cross_valid_method               RFREE 
_refine.pdbx_R_Free_selection_details            5% 
_refine.pdbx_stereochem_target_val_spec_case     ? 
_refine.pdbx_stereochemistry_target_values       'Engh & Huber' 
_refine.solvent_model_details                    ? 
_refine.solvent_model_param_bsol                 ? 
_refine.solvent_model_param_ksol                 ? 
_refine.occupancy_max                            ? 
_refine.occupancy_min                            ? 
_refine.pdbx_isotropic_thermal_model             ? 
_refine.B_iso_mean                               -0.547 
_refine.aniso_B[1][1]                            -2.434 
_refine.aniso_B[1][2]                            0 
_refine.aniso_B[1][3]                            0 
_refine.aniso_B[2][2]                            1.375 
_refine.aniso_B[2][3]                            0 
_refine.aniso_B[3][3]                            1.059 
_refine.details                                  ? 
_refine.B_iso_min                                ? 
_refine.B_iso_max                                ? 
_refine.correlation_coeff_Fo_to_Fc               ? 
_refine.correlation_coeff_Fo_to_Fc_free          ? 
_refine.pdbx_solvent_vdw_probe_radii             ? 
_refine.pdbx_solvent_ion_probe_radii             ? 
_refine.pdbx_solvent_shrinkage_radii             ? 
_refine.overall_SU_R_Cruickshank_DPI             ? 
_refine.overall_SU_R_free                        ? 
_refine.overall_SU_B                             ? 
_refine.overall_SU_ML                            ? 
_refine.pdbx_overall_ESU_R                       ? 
_refine.pdbx_overall_ESU_R_Free                  ? 
_refine.pdbx_data_cutoff_high_rms_absF           ? 
_refine.pdbx_refine_id                           'X-RAY DIFFRACTION' 
_refine.pdbx_diffrn_id                           1 
_refine.pdbx_TLS_residual_ADP_flag               ? 
_refine.pdbx_overall_phase_error                 ? 
_refine.pdbx_overall_SU_R_free_Cruickshank_DPI   ? 
_refine.pdbx_overall_SU_R_Blow_DPI               ? 
_refine.pdbx_overall_SU_R_free_Blow_DPI          ? 
# 
_refine_analyze.entry_id                        1Q7D 
_refine_analyze.Luzzati_coordinate_error_obs    0.24 
_refine_analyze.Luzzati_sigma_a_obs             0.18 
_refine_analyze.Luzzati_d_res_low_obs           6 
_refine_analyze.Luzzati_coordinate_error_free   0.27 
_refine_analyze.Luzzati_sigma_a_free            0.1 
_refine_analyze.Luzzati_d_res_low_free          ? 
_refine_analyze.number_disordered_residues      ? 
_refine_analyze.occupancy_sum_non_hydrogen      ? 
_refine_analyze.occupancy_sum_hydrogen          ? 
_refine_analyze.pdbx_Luzzati_d_res_high_obs     ? 
_refine_analyze.pdbx_refine_id                  'X-RAY DIFFRACTION' 
# 
_refine_hist.pdbx_refine_id                   'X-RAY DIFFRACTION' 
_refine_hist.cycle_id                         LAST 
_refine_hist.pdbx_number_atoms_protein        429 
_refine_hist.pdbx_number_atoms_nucleic_acid   0 
_refine_hist.pdbx_number_atoms_ligand         0 
_refine_hist.number_atoms_solvent             94 
_refine_hist.number_atoms_total               523 
_refine_hist.d_res_high                       1.8 
_refine_hist.d_res_low                        6.0 
# 
loop_
_refine_ls_restr.type 
_refine_ls_restr.dev_ideal 
_refine_ls_restr.dev_ideal_target 
_refine_ls_restr.weight 
_refine_ls_restr.number 
_refine_ls_restr.pdbx_refine_id 
_refine_ls_restr.pdbx_restraint_function 
c_angle_deg        1.6   ? ? ? 'X-RAY DIFFRACTION' ? 
c_angle_d          1.6   ? ? ? 'X-RAY DIFFRACTION' ? 
c_bond_d           0.007 ? ? ? 'X-RAY DIFFRACTION' ? 
c_dihedral_angle_d 21.6  ? ? ? 'X-RAY DIFFRACTION' ? 
c_improper_angle_d 9.5   ? ? ? 'X-RAY DIFFRACTION' ? 
# 
_refine_ls_shell.pdbx_total_number_of_bins_used   ? 
_refine_ls_shell.d_res_high                       1.8 
_refine_ls_shell.d_res_low                        1.88 
_refine_ls_shell.number_reflns_R_work             ? 
_refine_ls_shell.R_factor_R_work                  0.358 
_refine_ls_shell.percent_reflns_obs               95 
_refine_ls_shell.R_factor_R_free                  0.485 
_refine_ls_shell.R_factor_R_free_error            0.01 
_refine_ls_shell.percent_reflns_R_free            ? 
_refine_ls_shell.number_reflns_R_free             22 
_refine_ls_shell.number_reflns_obs                548 
_refine_ls_shell.redundancy_reflns_obs            ? 
_refine_ls_shell.number_reflns_all                ? 
_refine_ls_shell.pdbx_refine_id                   'X-RAY DIFFRACTION' 
_refine_ls_shell.R_factor_all                     ? 
# 
_struct.entry_id                  1Q7D 
_struct.title                     'Structure of the integrin alpha2beta1 binding collagen peptide' 
_struct.pdbx_model_details        ? 
_struct.pdbx_CASP_flag            ? 
_struct.pdbx_model_type_details   ? 
# 
_struct_keywords.entry_id        1Q7D 
_struct_keywords.pdbx_keywords   'CONTRACTILE PROTEIN' 
_struct_keywords.text            'COLLAGEN, INTEGRIN, TRIPLEHELIX, CONTRACTILE PROTEIN' 
# 
loop_
_struct_asym.id 
_struct_asym.pdbx_blank_PDB_chainid_flag 
_struct_asym.pdbx_modified 
_struct_asym.entity_id 
_struct_asym.details 
A N N 1 ? 
B N N 1 ? 
C N N 1 ? 
D N N 2 ? 
E N N 2 ? 
F N N 2 ? 
# 
_struct_ref.id                         1 
_struct_ref.db_name                    UNP 
_struct_ref.db_code                    CO1A1_HUMAN 
_struct_ref.pdbx_db_accession          P02452 
_struct_ref.entity_id                  1 
_struct_ref.pdbx_seq_one_letter_code   GFPGER 
_struct_ref.pdbx_align_begin           680 
_struct_ref.pdbx_db_isoform            ? 
# 
loop_
_struct_ref_seq.align_id 
_struct_ref_seq.ref_id 
_struct_ref_seq.pdbx_PDB_id_code 
_struct_ref_seq.pdbx_strand_id 
_struct_ref_seq.seq_align_beg 
_struct_ref_seq.pdbx_seq_align_beg_ins_code 
_struct_ref_seq.seq_align_end 
_struct_ref_seq.pdbx_seq_align_end_ins_code 
_struct_ref_seq.pdbx_db_accession 
_struct_ref_seq.db_align_beg 
_struct_ref_seq.pdbx_db_align_beg_ins_code 
_struct_ref_seq.db_align_end 
_struct_ref_seq.pdbx_db_align_end_ins_code 
_struct_ref_seq.pdbx_auth_seq_align_beg 
_struct_ref_seq.pdbx_auth_seq_align_end 
1 1 1Q7D A 8 ? 13 ? P02452 680 ? 685 ? 8 13 
2 1 1Q7D B 8 ? 13 ? P02452 680 ? 685 ? 8 13 
3 1 1Q7D C 8 ? 13 ? P02452 680 ? 685 ? 8 13 
# 
loop_
_struct_ref_seq_dif.align_id 
_struct_ref_seq_dif.pdbx_pdb_id_code 
_struct_ref_seq_dif.mon_id 
_struct_ref_seq_dif.pdbx_pdb_strand_id 
_struct_ref_seq_dif.seq_num 
_struct_ref_seq_dif.pdbx_pdb_ins_code 
_struct_ref_seq_dif.pdbx_seq_db_name 
_struct_ref_seq_dif.pdbx_seq_db_accession_code 
_struct_ref_seq_dif.db_mon_id 
_struct_ref_seq_dif.pdbx_seq_db_seq_num 
_struct_ref_seq_dif.details 
_struct_ref_seq_dif.pdbx_auth_seq_num 
_struct_ref_seq_dif.pdbx_ordinal 
1 1Q7D GLY A 2  ? UNP P02452 ?   ?   'SEE REMARK 999'   2  1  
1 1Q7D PRO A 3  ? UNP P02452 ?   ?   'SEE REMARK 999'   3  2  
1 1Q7D HYP A 4  ? UNP P02452 ?   ?   'SEE REMARK 999'   4  3  
1 1Q7D GLY A 5  ? UNP P02452 ?   ?   'SEE REMARK 999'   5  4  
1 1Q7D PRO A 6  ? UNP P02452 ?   ?   'SEE REMARK 999'   6  5  
1 1Q7D HYP A 7  ? UNP P02452 ?   ?   'SEE REMARK 999'   7  6  
1 1Q7D HYP A 10 ? UNP P02452 PRO 682 'modified residue' 10 7  
1 1Q7D GLY A 14 ? UNP P02452 ?   ?   'SEE REMARK 999'   14 8  
1 1Q7D PRO A 15 ? UNP P02452 ?   ?   'SEE REMARK 999'   15 9  
1 1Q7D HYP A 16 ? UNP P02452 ?   ?   'SEE REMARK 999'   16 10 
1 1Q7D GLY A 17 ? UNP P02452 ?   ?   'SEE REMARK 999'   17 11 
1 1Q7D PRO A 18 ? UNP P02452 ?   ?   'SEE REMARK 999'   18 12 
1 1Q7D HYP A 19 ? UNP P02452 ?   ?   'SEE REMARK 999'   19 13 
1 1Q7D GLY A 20 ? UNP P02452 ?   ?   'SEE REMARK 999'   20 14 
1 1Q7D PRO A 21 ? UNP P02452 ?   ?   'SEE REMARK 999'   21 15 
1 1Q7D HYP A 22 ? UNP P02452 ?   ?   'SEE REMARK 999'   22 16 
2 1Q7D GLY B 2  ? UNP P02452 ?   ?   'SEE REMARK 999'   2  17 
2 1Q7D PRO B 3  ? UNP P02452 ?   ?   'SEE REMARK 999'   3  18 
2 1Q7D HYP B 4  ? UNP P02452 ?   ?   'SEE REMARK 999'   4  19 
2 1Q7D GLY B 5  ? UNP P02452 ?   ?   'SEE REMARK 999'   5  20 
2 1Q7D PRO B 6  ? UNP P02452 ?   ?   'SEE REMARK 999'   6  21 
2 1Q7D HYP B 7  ? UNP P02452 ?   ?   'SEE REMARK 999'   7  22 
2 1Q7D HYP B 10 ? UNP P02452 PRO 682 'modified residue' 10 23 
2 1Q7D GLY B 14 ? UNP P02452 ?   ?   'SEE REMARK 999'   14 24 
2 1Q7D PRO B 15 ? UNP P02452 ?   ?   'SEE REMARK 999'   15 25 
2 1Q7D HYP B 16 ? UNP P02452 ?   ?   'SEE REMARK 999'   16 26 
2 1Q7D GLY B 17 ? UNP P02452 ?   ?   'SEE REMARK 999'   17 27 
2 1Q7D PRO B 18 ? UNP P02452 ?   ?   'SEE REMARK 999'   18 28 
2 1Q7D HYP B 19 ? UNP P02452 ?   ?   'SEE REMARK 999'   19 29 
2 1Q7D GLY B 20 ? UNP P02452 ?   ?   'SEE REMARK 999'   20 30 
2 1Q7D PRO B 21 ? UNP P02452 ?   ?   'SEE REMARK 999'   21 31 
2 1Q7D HYP B 22 ? UNP P02452 ?   ?   'SEE REMARK 999'   22 32 
3 1Q7D GLY C 2  ? UNP P02452 ?   ?   'SEE REMARK 999'   2  33 
3 1Q7D PRO C 3  ? UNP P02452 ?   ?   'SEE REMARK 999'   3  34 
3 1Q7D HYP C 4  ? UNP P02452 ?   ?   'SEE REMARK 999'   4  35 
3 1Q7D GLY C 5  ? UNP P02452 ?   ?   'SEE REMARK 999'   5  36 
3 1Q7D PRO C 6  ? UNP P02452 ?   ?   'SEE REMARK 999'   6  37 
3 1Q7D HYP C 7  ? UNP P02452 ?   ?   'SEE REMARK 999'   7  38 
3 1Q7D HYP C 10 ? UNP P02452 PRO 682 'modified residue' 10 39 
3 1Q7D GLY C 14 ? UNP P02452 ?   ?   'SEE REMARK 999'   14 40 
3 1Q7D PRO C 15 ? UNP P02452 ?   ?   'SEE REMARK 999'   15 41 
3 1Q7D HYP C 16 ? UNP P02452 ?   ?   'SEE REMARK 999'   16 42 
3 1Q7D GLY C 17 ? UNP P02452 ?   ?   'SEE REMARK 999'   17 43 
3 1Q7D PRO C 18 ? UNP P02452 ?   ?   'SEE REMARK 999'   18 44 
3 1Q7D HYP C 19 ? UNP P02452 ?   ?   'SEE REMARK 999'   19 45 
3 1Q7D GLY C 20 ? UNP P02452 ?   ?   'SEE REMARK 999'   20 46 
3 1Q7D PRO C 21 ? UNP P02452 ?   ?   'SEE REMARK 999'   21 47 
3 1Q7D HYP C 22 ? UNP P02452 ?   ?   'SEE REMARK 999'   22 48 
# 
_pdbx_struct_assembly.id                   1 
_pdbx_struct_assembly.details              author_and_software_defined_assembly 
_pdbx_struct_assembly.method_details       PISA 
_pdbx_struct_assembly.oligomeric_details   trimeric 
_pdbx_struct_assembly.oligomeric_count     3 
# 
loop_
_pdbx_struct_assembly_prop.biol_id 
_pdbx_struct_assembly_prop.type 
_pdbx_struct_assembly_prop.value 
_pdbx_struct_assembly_prop.details 
1 'ABSA (A^2)' 4650 ? 
1 MORE         -20  ? 
1 'SSA (A^2)'  3820 ? 
# 
_pdbx_struct_assembly_gen.assembly_id       1 
_pdbx_struct_assembly_gen.oper_expression   1 
_pdbx_struct_assembly_gen.asym_id_list      A,B,C,D,E,F 
# 
_pdbx_struct_oper_list.id                   1 
_pdbx_struct_oper_list.type                 'identity operation' 
_pdbx_struct_oper_list.name                 1_555 
_pdbx_struct_oper_list.symmetry_operation   x,y,z 
_pdbx_struct_oper_list.matrix[1][1]         1.0000000000 
_pdbx_struct_oper_list.matrix[1][2]         0.0000000000 
_pdbx_struct_oper_list.matrix[1][3]         0.0000000000 
_pdbx_struct_oper_list.vector[1]            0.0000000000 
_pdbx_struct_oper_list.matrix[2][1]         0.0000000000 
_pdbx_struct_oper_list.matrix[2][2]         1.0000000000 
_pdbx_struct_oper_list.matrix[2][3]         0.0000000000 
_pdbx_struct_oper_list.vector[2]            0.0000000000 
_pdbx_struct_oper_list.matrix[3][1]         0.0000000000 
_pdbx_struct_oper_list.matrix[3][2]         0.0000000000 
_pdbx_struct_oper_list.matrix[3][3]         1.0000000000 
_pdbx_struct_oper_list.vector[3]            0.0000000000 
# 
loop_
_struct_conn.id 
_struct_conn.conn_type_id 
_struct_conn.pdbx_leaving_atom_flag 
_struct_conn.pdbx_PDB_id 
_struct_conn.ptnr1_label_asym_id 
_struct_conn.ptnr1_label_comp_id 
_struct_conn.ptnr1_label_seq_id 
_struct_conn.ptnr1_label_atom_id 
_struct_conn.pdbx_ptnr1_label_alt_id 
_struct_conn.pdbx_ptnr1_PDB_ins_code 
_struct_conn.pdbx_ptnr1_standard_comp_id 
_struct_conn.ptnr1_symmetry 
_struct_conn.ptnr2_label_asym_id 
_struct_conn.ptnr2_label_comp_id 
_struct_conn.ptnr2_label_seq_id 
_struct_conn.ptnr2_label_atom_id 
_struct_conn.pdbx_ptnr2_label_alt_id 
_struct_conn.pdbx_ptnr2_PDB_ins_code 
_struct_conn.ptnr1_auth_asym_id 
_struct_conn.ptnr1_auth_comp_id 
_struct_conn.ptnr1_auth_seq_id 
_struct_conn.ptnr2_auth_asym_id 
_struct_conn.ptnr2_auth_comp_id 
_struct_conn.ptnr2_auth_seq_id 
_struct_conn.ptnr2_symmetry 
_struct_conn.pdbx_ptnr3_label_atom_id 
_struct_conn.pdbx_ptnr3_label_seq_id 
_struct_conn.pdbx_ptnr3_label_comp_id 
_struct_conn.pdbx_ptnr3_label_asym_id 
_struct_conn.pdbx_ptnr3_label_alt_id 
_struct_conn.pdbx_ptnr3_PDB_ins_code 
_struct_conn.details 
_struct_conn.pdbx_dist_value 
_struct_conn.pdbx_value_order 
_struct_conn.pdbx_role 
covale1  covale both ? A ACE 1  C ? ? ? 1_555 A GLY 2  N ? ? A ACE 1  A GLY 2  1_555 ? ? ? ? ? ? ? 1.328 ? ? 
covale2  covale both ? A PRO 3  C ? ? ? 1_555 A HYP 4  N ? ? A PRO 3  A HYP 4  1_555 ? ? ? ? ? ? ? 1.346 ? ? 
covale3  covale both ? A HYP 4  C ? ? ? 1_555 A GLY 5  N ? ? A HYP 4  A GLY 5  1_555 ? ? ? ? ? ? ? 1.329 ? ? 
covale4  covale both ? A PRO 6  C ? ? ? 1_555 A HYP 7  N ? ? A PRO 6  A HYP 7  1_555 ? ? ? ? ? ? ? 1.340 ? ? 
covale5  covale both ? A HYP 7  C ? ? ? 1_555 A GLY 8  N ? ? A HYP 7  A GLY 8  1_555 ? ? ? ? ? ? ? 1.329 ? ? 
covale6  covale both ? A PHE 9  C ? ? ? 1_555 A HYP 10 N ? ? A PHE 9  A HYP 10 1_555 ? ? ? ? ? ? ? 1.348 ? ? 
covale7  covale both ? A HYP 10 C ? ? ? 1_555 A GLY 11 N ? ? A HYP 10 A GLY 11 1_555 ? ? ? ? ? ? ? 1.333 ? ? 
covale8  covale both ? A PRO 15 C ? ? ? 1_555 A HYP 16 N ? ? A PRO 15 A HYP 16 1_555 ? ? ? ? ? ? ? 1.350 ? ? 
covale9  covale both ? A HYP 16 C ? ? ? 1_555 A GLY 17 N ? ? A HYP 16 A GLY 17 1_555 ? ? ? ? ? ? ? 1.329 ? ? 
covale10 covale both ? A PRO 18 C ? ? ? 1_555 A HYP 19 N ? ? A PRO 18 A HYP 19 1_555 ? ? ? ? ? ? ? 1.344 ? ? 
covale11 covale both ? A HYP 19 C ? ? ? 1_555 A GLY 20 N ? ? A HYP 19 A GLY 20 1_555 ? ? ? ? ? ? ? 1.326 ? ? 
covale12 covale both ? A PRO 21 C ? ? ? 1_555 A HYP 22 N ? ? A PRO 21 A HYP 22 1_555 ? ? ? ? ? ? ? 1.342 ? ? 
covale13 covale both ? A HYP 22 C ? ? ? 1_555 A NH2 23 N ? ? A HYP 22 A NH2 23 1_555 ? ? ? ? ? ? ? 1.331 ? ? 
covale14 covale both ? B ACE 1  C ? ? ? 1_555 B GLY 2  N ? ? B ACE 1  B GLY 2  1_555 ? ? ? ? ? ? ? 1.329 ? ? 
covale15 covale both ? B PRO 3  C ? ? ? 1_555 B HYP 4  N ? ? B PRO 3  B HYP 4  1_555 ? ? ? ? ? ? ? 1.344 ? ? 
covale16 covale both ? B HYP 4  C ? ? ? 1_555 B GLY 5  N ? ? B HYP 4  B GLY 5  1_555 ? ? ? ? ? ? ? 1.329 ? ? 
covale17 covale both ? B PRO 6  C ? ? ? 1_555 B HYP 7  N ? ? B PRO 6  B HYP 7  1_555 ? ? ? ? ? ? ? 1.342 ? ? 
covale18 covale both ? B HYP 7  C ? ? ? 1_555 B GLY 8  N ? ? B HYP 7  B GLY 8  1_555 ? ? ? ? ? ? ? 1.328 ? ? 
covale19 covale both ? B PHE 9  C ? ? ? 1_555 B HYP 10 N ? ? B PHE 9  B HYP 10 1_555 ? ? ? ? ? ? ? 1.344 ? ? 
covale20 covale both ? B HYP 10 C ? ? ? 1_555 B GLY 11 N ? ? B HYP 10 B GLY 11 1_555 ? ? ? ? ? ? ? 1.329 ? ? 
covale21 covale both ? B PRO 15 C ? ? ? 1_555 B HYP 16 N ? ? B PRO 15 B HYP 16 1_555 ? ? ? ? ? ? ? 1.345 ? ? 
covale22 covale both ? B HYP 16 C ? ? ? 1_555 B GLY 17 N ? ? B HYP 16 B GLY 17 1_555 ? ? ? ? ? ? ? 1.332 ? ? 
covale23 covale both ? B PRO 18 C ? ? ? 1_555 B HYP 19 N ? ? B PRO 18 B HYP 19 1_555 ? ? ? ? ? ? ? 1.339 ? ? 
covale24 covale both ? B HYP 19 C ? ? ? 1_555 B GLY 20 N ? ? B HYP 19 B GLY 20 1_555 ? ? ? ? ? ? ? 1.328 ? ? 
covale25 covale both ? B PRO 21 C ? ? ? 1_555 B HYP 22 N ? ? B PRO 21 B HYP 22 1_555 ? ? ? ? ? ? ? 1.342 ? ? 
covale26 covale both ? B HYP 22 C ? ? ? 1_555 B NH2 23 N ? ? B HYP 22 B NH2 23 1_555 ? ? ? ? ? ? ? 1.329 ? ? 
covale27 covale both ? C ACE 1  C ? ? ? 1_555 C GLY 2  N ? ? C ACE 1  C GLY 2  1_555 ? ? ? ? ? ? ? 1.332 ? ? 
covale28 covale both ? C PRO 3  C ? ? ? 1_555 C HYP 4  N ? ? C PRO 3  C HYP 4  1_555 ? ? ? ? ? ? ? 1.339 ? ? 
covale29 covale both ? C HYP 4  C ? ? ? 1_555 C GLY 5  N ? ? C HYP 4  C GLY 5  1_555 ? ? ? ? ? ? ? 1.330 ? ? 
covale30 covale both ? C PRO 6  C ? ? ? 1_555 C HYP 7  N ? ? C PRO 6  C HYP 7  1_555 ? ? ? ? ? ? ? 1.343 ? ? 
covale31 covale both ? C HYP 7  C ? ? ? 1_555 C GLY 8  N ? ? C HYP 7  C GLY 8  1_555 ? ? ? ? ? ? ? 1.330 ? ? 
covale32 covale both ? C PHE 9  C ? ? ? 1_555 C HYP 10 N ? ? C PHE 9  C HYP 10 1_555 ? ? ? ? ? ? ? 1.347 ? ? 
covale33 covale both ? C HYP 10 C ? ? ? 1_555 C GLY 11 N ? ? C HYP 10 C GLY 11 1_555 ? ? ? ? ? ? ? 1.332 ? ? 
covale34 covale both ? C PRO 15 C ? ? ? 1_555 C HYP 16 N ? ? C PRO 15 C HYP 16 1_555 ? ? ? ? ? ? ? 1.341 ? ? 
covale35 covale both ? C HYP 16 C ? ? ? 1_555 C GLY 17 N ? ? C HYP 16 C GLY 17 1_555 ? ? ? ? ? ? ? 1.327 ? ? 
covale36 covale both ? C PRO 18 C ? ? ? 1_555 C HYP 19 N ? ? C PRO 18 C HYP 19 1_555 ? ? ? ? ? ? ? 1.342 ? ? 
covale37 covale both ? C HYP 19 C ? ? ? 1_555 C GLY 20 N ? ? C HYP 19 C GLY 20 1_555 ? ? ? ? ? ? ? 1.328 ? ? 
# 
_struct_conn_type.id          covale 
_struct_conn_type.criteria    ? 
_struct_conn_type.reference   ? 
# 
loop_
_pdbx_modification_feature.ordinal 
_pdbx_modification_feature.label_comp_id 
_pdbx_modification_feature.label_asym_id 
_pdbx_modification_feature.label_seq_id 
_pdbx_modification_feature.label_alt_id 
_pdbx_modification_feature.modified_residue_label_comp_id 
_pdbx_modification_feature.modified_residue_label_asym_id 
_pdbx_modification_feature.modified_residue_label_seq_id 
_pdbx_modification_feature.modified_residue_label_alt_id 
_pdbx_modification_feature.auth_comp_id 
_pdbx_modification_feature.auth_asym_id 
_pdbx_modification_feature.auth_seq_id 
_pdbx_modification_feature.PDB_ins_code 
_pdbx_modification_feature.symmetry 
_pdbx_modification_feature.modified_residue_auth_comp_id 
_pdbx_modification_feature.modified_residue_auth_asym_id 
_pdbx_modification_feature.modified_residue_auth_seq_id 
_pdbx_modification_feature.modified_residue_PDB_ins_code 
_pdbx_modification_feature.modified_residue_symmetry 
_pdbx_modification_feature.comp_id_linking_atom 
_pdbx_modification_feature.modified_residue_id_linking_atom 
_pdbx_modification_feature.modified_residue_id 
_pdbx_modification_feature.ref_pcm_id 
_pdbx_modification_feature.ref_comp_id 
_pdbx_modification_feature.type 
_pdbx_modification_feature.category 
1  HYP A 4  ? .   . .  . HYP A 4  ? 1_555 .   . .  . .     . . PRO 1  HYP Hydroxylation 'Named protein modification' 
2  HYP A 7  ? .   . .  . HYP A 7  ? 1_555 .   . .  . .     . . PRO 1  HYP Hydroxylation 'Named protein modification' 
3  HYP A 10 ? .   . .  . HYP A 10 ? 1_555 .   . .  . .     . . PRO 1  HYP Hydroxylation 'Named protein modification' 
4  HYP A 16 ? .   . .  . HYP A 16 ? 1_555 .   . .  . .     . . PRO 1  HYP Hydroxylation 'Named protein modification' 
5  HYP A 19 ? .   . .  . HYP A 19 ? 1_555 .   . .  . .     . . PRO 1  HYP Hydroxylation 'Named protein modification' 
6  HYP A 22 ? .   . .  . HYP A 22 ? 1_555 .   . .  . .     . . PRO 1  HYP Hydroxylation 'Named protein modification' 
7  HYP B 4  ? .   . .  . HYP B 4  ? 1_555 .   . .  . .     . . PRO 1  HYP Hydroxylation 'Named protein modification' 
8  HYP B 7  ? .   . .  . HYP B 7  ? 1_555 .   . .  . .     . . PRO 1  HYP Hydroxylation 'Named protein modification' 
9  HYP B 10 ? .   . .  . HYP B 10 ? 1_555 .   . .  . .     . . PRO 1  HYP Hydroxylation 'Named protein modification' 
10 HYP B 16 ? .   . .  . HYP B 16 ? 1_555 .   . .  . .     . . PRO 1  HYP Hydroxylation 'Named protein modification' 
11 HYP B 19 ? .   . .  . HYP B 19 ? 1_555 .   . .  . .     . . PRO 1  HYP Hydroxylation 'Named protein modification' 
12 HYP B 22 ? .   . .  . HYP B 22 ? 1_555 .   . .  . .     . . PRO 1  HYP Hydroxylation 'Named protein modification' 
13 HYP C 4  ? .   . .  . HYP C 4  ? 1_555 .   . .  . .     . . PRO 1  HYP Hydroxylation 'Named protein modification' 
14 HYP C 7  ? .   . .  . HYP C 7  ? 1_555 .   . .  . .     . . PRO 1  HYP Hydroxylation 'Named protein modification' 
15 HYP C 10 ? .   . .  . HYP C 10 ? 1_555 .   . .  . .     . . PRO 1  HYP Hydroxylation 'Named protein modification' 
16 HYP C 16 ? .   . .  . HYP C 16 ? 1_555 .   . .  . .     . . PRO 1  HYP Hydroxylation 'Named protein modification' 
17 HYP C 19 ? .   . .  . HYP C 19 ? 1_555 .   . .  . .     . . PRO 1  HYP Hydroxylation 'Named protein modification' 
18 ACE A 1  ? GLY A 2  ? ACE A 1  ? 1_555 GLY A 2  ? 1_555 . . GLY 12 ACE None          'Terminal acetylation'       
19 ACE B 1  ? GLY B 2  ? ACE B 1  ? 1_555 GLY B 2  ? 1_555 . . GLY 12 ACE None          'Terminal acetylation'       
20 ACE C 1  ? GLY C 2  ? ACE C 1  ? 1_555 GLY C 2  ? 1_555 . . GLY 12 ACE None          'Terminal acetylation'       
21 NH2 A 23 ? HYP A 22 ? NH2 A 23 ? 1_555 HYP A 22 ? 1_555 . . HYP 42 NH2 None          'Terminal amidation'         
22 NH2 B 23 ? HYP B 22 ? NH2 B 23 ? 1_555 HYP B 22 ? 1_555 . . HYP 42 NH2 None          'Terminal amidation'         
# 
loop_
_struct_site.id 
_struct_site.pdbx_evidence_code 
_struct_site.pdbx_auth_asym_id 
_struct_site.pdbx_auth_comp_id 
_struct_site.pdbx_auth_seq_id 
_struct_site.pdbx_auth_ins_code 
_struct_site.pdbx_num_residues 
_struct_site.details 
AC2 Software B ACE 1  ? 2 'BINDING SITE FOR RESIDUE ACE B 1'  
AC3 Software C ACE 1  ? 3 'BINDING SITE FOR RESIDUE ACE C 1'  
AC4 Software A NH2 23 ? 3 'BINDING SITE FOR RESIDUE NH2 A 23' 
AC5 Software B NH2 23 ? 1 'BINDING SITE FOR RESIDUE NH2 B 23' 
# 
loop_
_struct_site_gen.id 
_struct_site_gen.site_id 
_struct_site_gen.pdbx_num_res 
_struct_site_gen.label_comp_id 
_struct_site_gen.label_asym_id 
_struct_site_gen.label_seq_id 
_struct_site_gen.pdbx_auth_ins_code 
_struct_site_gen.auth_comp_id 
_struct_site_gen.auth_asym_id 
_struct_site_gen.auth_seq_id 
_struct_site_gen.label_atom_id 
_struct_site_gen.label_alt_id 
_struct_site_gen.symmetry 
_struct_site_gen.details 
1 AC2 2 GLY A 2  ? GLY A 2   . ? 1_555 ? 
2 AC2 2 HOH E .  ? HOH B 61  . ? 1_555 ? 
3 AC3 3 PRO A 3  ? PRO A 3   . ? 1_555 ? 
4 AC3 3 HOH F .  ? HOH C 62  . ? 1_555 ? 
5 AC3 3 HOH F .  ? HOH C 128 . ? 1_555 ? 
6 AC4 3 HYP A 22 ? HYP A 22  . ? 1_555 ? 
7 AC4 3 PRO B 21 ? PRO B 21  . ? 1_555 ? 
8 AC4 3 GLY C 20 ? GLY C 20  . ? 1_555 ? 
9 AC5 1 HYP B 22 ? HYP B 22  . ? 1_555 ? 
# 
_pdbx_entry_details.entry_id                   1Q7D 
_pdbx_entry_details.compound_details           ? 
_pdbx_entry_details.source_details             ? 
_pdbx_entry_details.nonpolymer_details         ? 
_pdbx_entry_details.sequence_details           ? 
_pdbx_entry_details.has_ligand_of_interest     ? 
_pdbx_entry_details.has_protein_modification   Y 
# 
loop_
_pdbx_validate_symm_contact.id 
_pdbx_validate_symm_contact.PDB_model_num 
_pdbx_validate_symm_contact.auth_atom_id_1 
_pdbx_validate_symm_contact.auth_asym_id_1 
_pdbx_validate_symm_contact.auth_comp_id_1 
_pdbx_validate_symm_contact.auth_seq_id_1 
_pdbx_validate_symm_contact.PDB_ins_code_1 
_pdbx_validate_symm_contact.label_alt_id_1 
_pdbx_validate_symm_contact.site_symmetry_1 
_pdbx_validate_symm_contact.auth_atom_id_2 
_pdbx_validate_symm_contact.auth_asym_id_2 
_pdbx_validate_symm_contact.auth_comp_id_2 
_pdbx_validate_symm_contact.auth_seq_id_2 
_pdbx_validate_symm_contact.PDB_ins_code_2 
_pdbx_validate_symm_contact.label_alt_id_2 
_pdbx_validate_symm_contact.site_symmetry_2 
_pdbx_validate_symm_contact.dist 
1 1 O B HOH 115 ? ? 1_555 O B HOH 115 ? ? 3_554 1.71 
2 1 O B HOH 90  ? ? 1_555 O B HOH 90  ? ? 3_555 1.98 
# 
loop_
_pdbx_struct_mod_residue.id 
_pdbx_struct_mod_residue.label_asym_id 
_pdbx_struct_mod_residue.label_comp_id 
_pdbx_struct_mod_residue.label_seq_id 
_pdbx_struct_mod_residue.auth_asym_id 
_pdbx_struct_mod_residue.auth_comp_id 
_pdbx_struct_mod_residue.auth_seq_id 
_pdbx_struct_mod_residue.PDB_ins_code 
_pdbx_struct_mod_residue.parent_comp_id 
_pdbx_struct_mod_residue.details 
1  A HYP 4  A HYP 4  ? PRO 4-HYDROXYPROLINE 
2  A HYP 7  A HYP 7  ? PRO 4-HYDROXYPROLINE 
3  A HYP 10 A HYP 10 ? PRO 4-HYDROXYPROLINE 
4  A HYP 16 A HYP 16 ? PRO 4-HYDROXYPROLINE 
5  A HYP 19 A HYP 19 ? PRO 4-HYDROXYPROLINE 
6  A HYP 22 A HYP 22 ? PRO 4-HYDROXYPROLINE 
7  B HYP 4  B HYP 4  ? PRO 4-HYDROXYPROLINE 
8  B HYP 7  B HYP 7  ? PRO 4-HYDROXYPROLINE 
9  B HYP 10 B HYP 10 ? PRO 4-HYDROXYPROLINE 
10 B HYP 16 B HYP 16 ? PRO 4-HYDROXYPROLINE 
11 B HYP 19 B HYP 19 ? PRO 4-HYDROXYPROLINE 
12 B HYP 22 B HYP 22 ? PRO 4-HYDROXYPROLINE 
13 C HYP 4  C HYP 4  ? PRO 4-HYDROXYPROLINE 
14 C HYP 7  C HYP 7  ? PRO 4-HYDROXYPROLINE 
15 C HYP 10 C HYP 10 ? PRO 4-HYDROXYPROLINE 
16 C HYP 16 C HYP 16 ? PRO 4-HYDROXYPROLINE 
17 C HYP 19 C HYP 19 ? PRO 4-HYDROXYPROLINE 
# 
loop_
_pdbx_struct_special_symmetry.id 
_pdbx_struct_special_symmetry.PDB_model_num 
_pdbx_struct_special_symmetry.auth_asym_id 
_pdbx_struct_special_symmetry.auth_comp_id 
_pdbx_struct_special_symmetry.auth_seq_id 
_pdbx_struct_special_symmetry.PDB_ins_code 
_pdbx_struct_special_symmetry.label_asym_id 
_pdbx_struct_special_symmetry.label_comp_id 
_pdbx_struct_special_symmetry.label_seq_id 
1 1 A HOH 24  ? D HOH . 
2 1 A HOH 113 ? D HOH . 
3 1 B HOH 107 ? E HOH . 
4 1 B HOH 116 ? E HOH . 
# 
_pdbx_database_remark.id     999 
_pdbx_database_remark.text   
;SEQUENCE
The peptide is acetylated at the N-terminus
and amidated at the C-terminus.
Gly-Pro-Hyp groups were added for stabilization.
;
# 
loop_
_pdbx_unobs_or_zero_occ_residues.id 
_pdbx_unobs_or_zero_occ_residues.PDB_model_num 
_pdbx_unobs_or_zero_occ_residues.polymer_flag 
_pdbx_unobs_or_zero_occ_residues.occupancy_flag 
_pdbx_unobs_or_zero_occ_residues.auth_asym_id 
_pdbx_unobs_or_zero_occ_residues.auth_comp_id 
_pdbx_unobs_or_zero_occ_residues.auth_seq_id 
_pdbx_unobs_or_zero_occ_residues.PDB_ins_code 
_pdbx_unobs_or_zero_occ_residues.label_asym_id 
_pdbx_unobs_or_zero_occ_residues.label_comp_id 
_pdbx_unobs_or_zero_occ_residues.label_seq_id 
1 1 Y 1 C HYP 22 ? C HYP 22 
2 1 Y 1 C NH2 23 ? C NH2 23 
# 
loop_
_chem_comp_atom.comp_id 
_chem_comp_atom.atom_id 
_chem_comp_atom.type_symbol 
_chem_comp_atom.pdbx_aromatic_flag 
_chem_comp_atom.pdbx_stereo_config 
_chem_comp_atom.pdbx_ordinal 
ACE C    C N N 1   
ACE O    O N N 2   
ACE CH3  C N N 3   
ACE H    H N N 4   
ACE H1   H N N 5   
ACE H2   H N N 6   
ACE H3   H N N 7   
ARG N    N N N 8   
ARG CA   C N S 9   
ARG C    C N N 10  
ARG O    O N N 11  
ARG CB   C N N 12  
ARG CG   C N N 13  
ARG CD   C N N 14  
ARG NE   N N N 15  
ARG CZ   C N N 16  
ARG NH1  N N N 17  
ARG NH2  N N N 18  
ARG OXT  O N N 19  
ARG H    H N N 20  
ARG H2   H N N 21  
ARG HA   H N N 22  
ARG HB2  H N N 23  
ARG HB3  H N N 24  
ARG HG2  H N N 25  
ARG HG3  H N N 26  
ARG HD2  H N N 27  
ARG HD3  H N N 28  
ARG HE   H N N 29  
ARG HH11 H N N 30  
ARG HH12 H N N 31  
ARG HH21 H N N 32  
ARG HH22 H N N 33  
ARG HXT  H N N 34  
GLU N    N N N 35  
GLU CA   C N S 36  
GLU C    C N N 37  
GLU O    O N N 38  
GLU CB   C N N 39  
GLU CG   C N N 40  
GLU CD   C N N 41  
GLU OE1  O N N 42  
GLU OE2  O N N 43  
GLU OXT  O N N 44  
GLU H    H N N 45  
GLU H2   H N N 46  
GLU HA   H N N 47  
GLU HB2  H N N 48  
GLU HB3  H N N 49  
GLU HG2  H N N 50  
GLU HG3  H N N 51  
GLU HE2  H N N 52  
GLU HXT  H N N 53  
GLY N    N N N 54  
GLY CA   C N N 55  
GLY C    C N N 56  
GLY O    O N N 57  
GLY OXT  O N N 58  
GLY H    H N N 59  
GLY H2   H N N 60  
GLY HA2  H N N 61  
GLY HA3  H N N 62  
GLY HXT  H N N 63  
HOH O    O N N 64  
HOH H1   H N N 65  
HOH H2   H N N 66  
HYP N    N N N 67  
HYP CA   C N S 68  
HYP C    C N N 69  
HYP O    O N N 70  
HYP CB   C N N 71  
HYP CG   C N R 72  
HYP CD   C N N 73  
HYP OD1  O N N 74  
HYP OXT  O N N 75  
HYP H    H N N 76  
HYP HA   H N N 77  
HYP HB2  H N N 78  
HYP HB3  H N N 79  
HYP HG   H N N 80  
HYP HD22 H N N 81  
HYP HD23 H N N 82  
HYP HD1  H N N 83  
HYP HXT  H N N 84  
NH2 N    N N N 85  
NH2 HN1  H N N 86  
NH2 HN2  H N N 87  
PHE N    N N N 88  
PHE CA   C N S 89  
PHE C    C N N 90  
PHE O    O N N 91  
PHE CB   C N N 92  
PHE CG   C Y N 93  
PHE CD1  C Y N 94  
PHE CD2  C Y N 95  
PHE CE1  C Y N 96  
PHE CE2  C Y N 97  
PHE CZ   C Y N 98  
PHE OXT  O N N 99  
PHE H    H N N 100 
PHE H2   H N N 101 
PHE HA   H N N 102 
PHE HB2  H N N 103 
PHE HB3  H N N 104 
PHE HD1  H N N 105 
PHE HD2  H N N 106 
PHE HE1  H N N 107 
PHE HE2  H N N 108 
PHE HZ   H N N 109 
PHE HXT  H N N 110 
PRO N    N N N 111 
PRO CA   C N S 112 
PRO C    C N N 113 
PRO O    O N N 114 
PRO CB   C N N 115 
PRO CG   C N N 116 
PRO CD   C N N 117 
PRO OXT  O N N 118 
PRO H    H N N 119 
PRO HA   H N N 120 
PRO HB2  H N N 121 
PRO HB3  H N N 122 
PRO HG2  H N N 123 
PRO HG3  H N N 124 
PRO HD2  H N N 125 
PRO HD3  H N N 126 
PRO HXT  H N N 127 
# 
loop_
_chem_comp_bond.comp_id 
_chem_comp_bond.atom_id_1 
_chem_comp_bond.atom_id_2 
_chem_comp_bond.value_order 
_chem_comp_bond.pdbx_aromatic_flag 
_chem_comp_bond.pdbx_stereo_config 
_chem_comp_bond.pdbx_ordinal 
ACE C   O    doub N N 1   
ACE C   CH3  sing N N 2   
ACE C   H    sing N N 3   
ACE CH3 H1   sing N N 4   
ACE CH3 H2   sing N N 5   
ACE CH3 H3   sing N N 6   
ARG N   CA   sing N N 7   
ARG N   H    sing N N 8   
ARG N   H2   sing N N 9   
ARG CA  C    sing N N 10  
ARG CA  CB   sing N N 11  
ARG CA  HA   sing N N 12  
ARG C   O    doub N N 13  
ARG C   OXT  sing N N 14  
ARG CB  CG   sing N N 15  
ARG CB  HB2  sing N N 16  
ARG CB  HB3  sing N N 17  
ARG CG  CD   sing N N 18  
ARG CG  HG2  sing N N 19  
ARG CG  HG3  sing N N 20  
ARG CD  NE   sing N N 21  
ARG CD  HD2  sing N N 22  
ARG CD  HD3  sing N N 23  
ARG NE  CZ   sing N N 24  
ARG NE  HE   sing N N 25  
ARG CZ  NH1  sing N N 26  
ARG CZ  NH2  doub N N 27  
ARG NH1 HH11 sing N N 28  
ARG NH1 HH12 sing N N 29  
ARG NH2 HH21 sing N N 30  
ARG NH2 HH22 sing N N 31  
ARG OXT HXT  sing N N 32  
GLU N   CA   sing N N 33  
GLU N   H    sing N N 34  
GLU N   H2   sing N N 35  
GLU CA  C    sing N N 36  
GLU CA  CB   sing N N 37  
GLU CA  HA   sing N N 38  
GLU C   O    doub N N 39  
GLU C   OXT  sing N N 40  
GLU CB  CG   sing N N 41  
GLU CB  HB2  sing N N 42  
GLU CB  HB3  sing N N 43  
GLU CG  CD   sing N N 44  
GLU CG  HG2  sing N N 45  
GLU CG  HG3  sing N N 46  
GLU CD  OE1  doub N N 47  
GLU CD  OE2  sing N N 48  
GLU OE2 HE2  sing N N 49  
GLU OXT HXT  sing N N 50  
GLY N   CA   sing N N 51  
GLY N   H    sing N N 52  
GLY N   H2   sing N N 53  
GLY CA  C    sing N N 54  
GLY CA  HA2  sing N N 55  
GLY CA  HA3  sing N N 56  
GLY C   O    doub N N 57  
GLY C   OXT  sing N N 58  
GLY OXT HXT  sing N N 59  
HOH O   H1   sing N N 60  
HOH O   H2   sing N N 61  
HYP N   CA   sing N N 62  
HYP N   CD   sing N N 63  
HYP N   H    sing N N 64  
HYP CA  C    sing N N 65  
HYP CA  CB   sing N N 66  
HYP CA  HA   sing N N 67  
HYP C   O    doub N N 68  
HYP C   OXT  sing N N 69  
HYP CB  CG   sing N N 70  
HYP CB  HB2  sing N N 71  
HYP CB  HB3  sing N N 72  
HYP CG  CD   sing N N 73  
HYP CG  OD1  sing N N 74  
HYP CG  HG   sing N N 75  
HYP CD  HD22 sing N N 76  
HYP CD  HD23 sing N N 77  
HYP OD1 HD1  sing N N 78  
HYP OXT HXT  sing N N 79  
NH2 N   HN1  sing N N 80  
NH2 N   HN2  sing N N 81  
PHE N   CA   sing N N 82  
PHE N   H    sing N N 83  
PHE N   H2   sing N N 84  
PHE CA  C    sing N N 85  
PHE CA  CB   sing N N 86  
PHE CA  HA   sing N N 87  
PHE C   O    doub N N 88  
PHE C   OXT  sing N N 89  
PHE CB  CG   sing N N 90  
PHE CB  HB2  sing N N 91  
PHE CB  HB3  sing N N 92  
PHE CG  CD1  doub Y N 93  
PHE CG  CD2  sing Y N 94  
PHE CD1 CE1  sing Y N 95  
PHE CD1 HD1  sing N N 96  
PHE CD2 CE2  doub Y N 97  
PHE CD2 HD2  sing N N 98  
PHE CE1 CZ   doub Y N 99  
PHE CE1 HE1  sing N N 100 
PHE CE2 CZ   sing Y N 101 
PHE CE2 HE2  sing N N 102 
PHE CZ  HZ   sing N N 103 
PHE OXT HXT  sing N N 104 
PRO N   CA   sing N N 105 
PRO N   CD   sing N N 106 
PRO N   H    sing N N 107 
PRO CA  C    sing N N 108 
PRO CA  CB   sing N N 109 
PRO CA  HA   sing N N 110 
PRO C   O    doub N N 111 
PRO C   OXT  sing N N 112 
PRO CB  CG   sing N N 113 
PRO CB  HB2  sing N N 114 
PRO CB  HB3  sing N N 115 
PRO CG  CD   sing N N 116 
PRO CG  HG2  sing N N 117 
PRO CG  HG3  sing N N 118 
PRO CD  HD2  sing N N 119 
PRO CD  HD3  sing N N 120 
PRO OXT HXT  sing N N 121 
# 
_atom_sites.entry_id                    1Q7D 
_atom_sites.fract_transf_matrix[1][1]   -0.03246411 
_atom_sites.fract_transf_matrix[1][2]   -0.00906499 
_atom_sites.fract_transf_matrix[1][3]   -0.00229479 
_atom_sites.fract_transf_matrix[2][1]   0.00128674 
_atom_sites.fract_transf_matrix[2][2]   -0.00573217 
_atom_sites.fract_transf_matrix[2][3]   0.00444016 
_atom_sites.fract_transf_matrix[3][1]   -0.00845114 
_atom_sites.fract_transf_matrix[3][2]   0.02234363 
_atom_sites.fract_transf_matrix[3][3]   0.03129437 
_atom_sites.fract_transf_vector[1]      0.149262 
_atom_sites.fract_transf_vector[2]      0.241342 
_atom_sites.fract_transf_vector[3]      0.018481 
# 
loop_
_atom_type.symbol 
C 
N 
O 
# 
loop_
_atom_site.group_PDB 
_atom_site.id 
_atom_site.type_symbol 
_atom_site.label_atom_id 
_atom_site.label_alt_id 
_atom_site.label_comp_id 
_atom_site.label_asym_id 
_atom_site.label_entity_id 
_atom_site.label_seq_id 
_atom_site.pdbx_PDB_ins_code 
_atom_site.Cartn_x 
_atom_site.Cartn_y 
_atom_site.Cartn_z 
_atom_site.occupancy 
_atom_site.B_iso_or_equiv 
_atom_site.pdbx_formal_charge 
_atom_site.auth_seq_id 
_atom_site.auth_comp_id 
_atom_site.auth_asym_id 
_atom_site.auth_atom_id 
_atom_site.pdbx_PDB_model_num 
HETATM 1   C C   . ACE A 1 1  ? -2.970  27.649  -17.878 1.00 36.09 ? 1   ACE A C   1 
HETATM 2   O O   . ACE A 1 1  ? -3.940  28.143  -17.302 1.00 37.28 ? 1   ACE A O   1 
HETATM 3   C CH3 . ACE A 1 1  ? -1.738  28.471  -18.157 1.00 36.87 ? 1   ACE A CH3 1 
ATOM   4   N N   . GLY A 1 2  ? -2.938  26.384  -18.282 1.00 35.78 ? 2   GLY A N   1 
ATOM   5   C CA  . GLY A 1 2  ? -4.075  25.514  -18.064 1.00 33.91 ? 2   GLY A CA  1 
ATOM   6   C C   . GLY A 1 2  ? -4.160  25.025  -16.633 1.00 32.84 ? 2   GLY A C   1 
ATOM   7   O O   . GLY A 1 2  ? -3.175  25.055  -15.900 1.00 33.25 ? 2   GLY A O   1 
ATOM   8   N N   . PRO A 1 3  ? -5.343  24.563  -16.205 1.00 31.53 ? 3   PRO A N   1 
ATOM   9   C CA  . PRO A 1 3  ? -5.542  24.064  -14.842 1.00 30.05 ? 3   PRO A CA  1 
ATOM   10  C C   . PRO A 1 3  ? -4.932  22.677  -14.619 1.00 28.39 ? 3   PRO A C   1 
ATOM   11  O O   . PRO A 1 3  ? -4.945  21.833  -15.519 1.00 28.32 ? 3   PRO A O   1 
ATOM   12  C CB  . PRO A 1 3  ? -7.061  24.048  -14.717 1.00 30.70 ? 3   PRO A CB  1 
ATOM   13  C CG  . PRO A 1 3  ? -7.484  23.653  -16.105 1.00 30.93 ? 3   PRO A CG  1 
ATOM   14  C CD  . PRO A 1 3  ? -6.610  24.542  -16.959 1.00 31.14 ? 3   PRO A CD  1 
HETATM 15  N N   . HYP A 1 4  ? -4.377  22.431  -13.417 1.00 26.91 ? 4   HYP A N   1 
HETATM 16  C CA  . HYP A 1 4  ? -3.759  21.144  -13.060 1.00 25.26 ? 4   HYP A CA  1 
HETATM 17  C C   . HYP A 1 4  ? -4.773  20.009  -13.210 1.00 24.11 ? 4   HYP A C   1 
HETATM 18  O O   . HYP A 1 4  ? -5.977  20.220  -13.051 1.00 23.35 ? 4   HYP A O   1 
HETATM 19  C CB  . HYP A 1 4  ? -3.323  21.351  -11.603 1.00 25.51 ? 4   HYP A CB  1 
HETATM 20  C CG  . HYP A 1 4  ? -3.019  22.811  -11.571 1.00 26.45 ? 4   HYP A CG  1 
HETATM 21  C CD  . HYP A 1 4  ? -4.195  23.414  -12.337 1.00 26.34 ? 4   HYP A CD  1 
HETATM 22  O OD1 . HYP A 1 4  ? -1.760  23.141  -12.146 1.00 26.37 ? 4   HYP A OD1 1 
ATOM   23  N N   . GLY A 1 5  ? -4.289  18.809  -13.510 1.00 21.84 ? 5   GLY A N   1 
ATOM   24  C CA  . GLY A 1 5  ? -5.187  17.684  -13.688 1.00 20.23 ? 5   GLY A CA  1 
ATOM   25  C C   . GLY A 1 5  ? -5.780  17.169  -12.394 1.00 19.13 ? 5   GLY A C   1 
ATOM   26  O O   . GLY A 1 5  ? -5.476  17.677  -11.318 1.00 18.43 ? 5   GLY A O   1 
ATOM   27  N N   . PRO A 1 6  ? -6.643  16.152  -12.475 1.00 17.46 ? 6   PRO A N   1 
ATOM   28  C CA  . PRO A 1 6  ? -7.264  15.583  -11.279 1.00 16.89 ? 6   PRO A CA  1 
ATOM   29  C C   . PRO A 1 6  ? -6.269  14.693  -10.527 1.00 15.82 ? 6   PRO A C   1 
ATOM   30  O O   . PRO A 1 6  ? -5.198  14.365  -11.044 1.00 15.87 ? 6   PRO A O   1 
ATOM   31  C CB  . PRO A 1 6  ? -8.432  14.793  -11.852 1.00 16.78 ? 6   PRO A CB  1 
ATOM   32  C CG  . PRO A 1 6  ? -7.853  14.280  -13.137 1.00 18.34 ? 6   PRO A CG  1 
ATOM   33  C CD  . PRO A 1 6  ? -7.150  15.500  -13.695 1.00 18.20 ? 6   PRO A CD  1 
HETATM 34  N N   . HYP A 1 7  ? -6.614  14.294  -9.296  1.00 14.77 ? 7   HYP A N   1 
HETATM 35  C CA  . HYP A 1 7  ? -5.752  13.442  -8.474  1.00 13.99 ? 7   HYP A CA  1 
HETATM 36  C C   . HYP A 1 7  ? -5.461  12.098  -9.135  1.00 12.84 ? 7   HYP A C   1 
HETATM 37  O O   . HYP A 1 7  ? -6.262  11.601  -9.926  1.00 13.45 ? 7   HYP A O   1 
HETATM 38  C CB  . HYP A 1 7  ? -6.553  13.279  -7.181  1.00 14.33 ? 7   HYP A CB  1 
HETATM 39  C CG  . HYP A 1 7  ? -7.361  14.540  -7.120  1.00 15.08 ? 7   HYP A CG  1 
HETATM 40  C CD  . HYP A 1 7  ? -7.815  14.711  -8.549  1.00 15.70 ? 7   HYP A CD  1 
HETATM 41  O OD1 . HYP A 1 7  ? -6.639  15.660  -6.630  1.00 15.31 ? 7   HYP A OD1 1 
ATOM   42  N N   . GLY A 1 8  ? -4.315  11.512  -8.803  1.00 11.67 ? 8   GLY A N   1 
ATOM   43  C CA  . GLY A 1 8  ? -3.953  10.223  -9.370  1.00 10.77 ? 8   GLY A CA  1 
ATOM   44  C C   . GLY A 1 8  ? -4.777  9.079   -8.798  1.00 9.61  ? 8   GLY A C   1 
ATOM   45  O O   . GLY A 1 8  ? -5.586  9.281   -7.892  1.00 9.68  ? 8   GLY A O   1 
ATOM   46  N N   . PHE A 1 9  ? -4.567  7.880   -9.345  1.00 7.62  ? 9   PHE A N   1 
ATOM   47  C CA  . PHE A 1 9  ? -5.258  6.653   -8.928  1.00 8.38  ? 9   PHE A CA  1 
ATOM   48  C C   . PHE A 1 9  ? -4.727  6.221   -7.551  1.00 7.43  ? 9   PHE A C   1 
ATOM   49  O O   . PHE A 1 9  ? -3.577  6.497   -7.221  1.00 9.10  ? 9   PHE A O   1 
ATOM   50  C CB  . PHE A 1 9  ? -4.977  5.545   -9.960  1.00 6.83  ? 9   PHE A CB  1 
ATOM   51  C CG  . PHE A 1 9  ? -5.912  4.365   -9.875  1.00 7.53  ? 9   PHE A CG  1 
ATOM   52  C CD1 . PHE A 1 9  ? -7.194  4.436   -10.421 1.00 6.27  ? 9   PHE A CD1 1 
ATOM   53  C CD2 . PHE A 1 9  ? -5.505  3.178   -9.272  1.00 6.92  ? 9   PHE A CD2 1 
ATOM   54  C CE1 . PHE A 1 9  ? -8.061  3.341   -10.365 1.00 7.24  ? 9   PHE A CE1 1 
ATOM   55  C CE2 . PHE A 1 9  ? -6.362  2.072   -9.208  1.00 7.99  ? 9   PHE A CE2 1 
ATOM   56  C CZ  . PHE A 1 9  ? -7.650  2.154   -9.763  1.00 6.23  ? 9   PHE A CZ  1 
HETATM 57  N N   . HYP A 1 10 ? -5.555  5.543   -6.732  1.00 7.26  ? 10  HYP A N   1 
HETATM 58  C CA  . HYP A 1 10 ? -5.090  5.103   -5.403  1.00 7.82  ? 10  HYP A CA  1 
HETATM 59  C C   . HYP A 1 10 ? -3.874  4.172   -5.466  1.00 9.00  ? 10  HYP A C   1 
HETATM 60  O O   . HYP A 1 10 ? -3.687  3.454   -6.449  1.00 8.92  ? 10  HYP A O   1 
HETATM 61  C CB  . HYP A 1 10 ? -6.305  4.371   -4.821  1.00 7.99  ? 10  HYP A CB  1 
HETATM 62  C CG  . HYP A 1 10 ? -7.453  5.070   -5.454  1.00 8.29  ? 10  HYP A CG  1 
HETATM 63  C CD  . HYP A 1 10 ? -7.003  5.308   -6.891  1.00 7.45  ? 10  HYP A CD  1 
HETATM 64  O OD1 . HYP A 1 10 ? -7.841  6.255   -4.777  1.00 8.48  ? 10  HYP A OD1 1 
ATOM   65  N N   . GLY A 1 11 ? -3.059  4.184   -4.411  1.00 8.20  ? 11  GLY A N   1 
ATOM   66  C CA  . GLY A 1 11 ? -1.898  3.309   -4.369  1.00 9.80  ? 11  GLY A CA  1 
ATOM   67  C C   . GLY A 1 11 ? -2.332  1.858   -4.207  1.00 10.40 ? 11  GLY A C   1 
ATOM   68  O O   . GLY A 1 11 ? -3.477  1.588   -3.850  1.00 9.97  ? 11  GLY A O   1 
ATOM   69  N N   . GLU A 1 12 ? -1.442  0.908   -4.469  1.00 11.42 ? 12  GLU A N   1 
ATOM   70  C CA  . GLU A 1 12 ? -1.832  -0.489  -4.314  1.00 13.40 ? 12  GLU A CA  1 
ATOM   71  C C   . GLU A 1 12 ? -1.720  -0.924  -2.863  1.00 13.00 ? 12  GLU A C   1 
ATOM   72  O O   . GLU A 1 12 ? -1.062  -0.258  -2.056  1.00 13.23 ? 12  GLU A O   1 
ATOM   73  C CB  . GLU A 1 12 ? -0.990  -1.401  -5.204  1.00 15.54 ? 12  GLU A CB  1 
ATOM   74  C CG  . GLU A 1 12 ? 0.475   -1.462  -4.885  1.00 17.56 ? 12  GLU A CG  1 
ATOM   75  C CD  . GLU A 1 12 ? 1.193   -2.435  -5.803  1.00 19.35 ? 12  GLU A CD  1 
ATOM   76  O OE1 . GLU A 1 12 ? 0.869   -3.645  -5.761  1.00 20.36 ? 12  GLU A OE1 1 
ATOM   77  O OE2 . GLU A 1 12 ? 2.069   -1.991  -6.575  1.00 21.59 ? 12  GLU A OE2 1 
ATOM   78  N N   . ARG A 1 13 ? -2.374  -2.032  -2.530  1.00 12.94 ? 13  ARG A N   1 
ATOM   79  C CA  . ARG A 1 13 ? -2.338  -2.535  -1.164  1.00 12.80 ? 13  ARG A CA  1 
ATOM   80  C C   . ARG A 1 13 ? -0.901  -2.846  -0.740  1.00 12.52 ? 13  ARG A C   1 
ATOM   81  O O   . ARG A 1 13 ? -0.063  -3.223  -1.564  1.00 10.93 ? 13  ARG A O   1 
ATOM   82  C CB  . ARG A 1 13 ? -3.206  -3.788  -1.035  1.00 14.79 ? 13  ARG A CB  1 
ATOM   83  C CG  . ARG A 1 13 ? -3.388  -4.255  0.402   1.00 16.53 ? 13  ARG A CG  1 
ATOM   84  C CD  . ARG A 1 13 ? -4.353  -5.422  0.495   1.00 19.20 ? 13  ARG A CD  1 
ATOM   85  N NE  . ARG A 1 13 ? -5.715  -5.054  0.110   1.00 22.42 ? 13  ARG A NE  1 
ATOM   86  C CZ  . ARG A 1 13 ? -6.522  -4.275  0.826   1.00 23.56 ? 13  ARG A CZ  1 
ATOM   87  N NH1 . ARG A 1 13 ? -7.744  -4.003  0.382   1.00 24.67 ? 13  ARG A NH1 1 
ATOM   88  N NH2 . ARG A 1 13 ? -6.117  -3.774  1.987   1.00 24.27 ? 13  ARG A NH2 1 
ATOM   89  N N   . GLY A 1 14 ? -0.627  -2.690  0.551   1.00 11.62 ? 14  GLY A N   1 
ATOM   90  C CA  . GLY A 1 14 ? 0.709   -2.943  1.060   1.00 10.68 ? 14  GLY A CA  1 
ATOM   91  C C   . GLY A 1 14 ? 1.105   -4.406  1.002   1.00 9.94  ? 14  GLY A C   1 
ATOM   92  O O   . GLY A 1 14 ? 0.252   -5.272  0.819   1.00 9.51  ? 14  GLY A O   1 
ATOM   93  N N   . PRO A 1 15 ? 2.404   -4.715  1.155   1.00 9.95  ? 15  PRO A N   1 
ATOM   94  C CA  . PRO A 1 15 ? 2.866   -6.106  1.112   1.00 10.29 ? 15  PRO A CA  1 
ATOM   95  C C   . PRO A 1 15 ? 2.439   -6.914  2.341   1.00 9.58  ? 15  PRO A C   1 
ATOM   96  O O   . PRO A 1 15 ? 2.084   -6.340  3.376   1.00 9.97  ? 15  PRO A O   1 
ATOM   97  C CB  . PRO A 1 15 ? 4.381   -5.956  1.014   1.00 10.04 ? 15  PRO A CB  1 
ATOM   98  C CG  . PRO A 1 15 ? 4.634   -4.701  1.823   1.00 11.23 ? 15  PRO A CG  1 
ATOM   99  C CD  . PRO A 1 15 ? 3.537   -3.784  1.327   1.00 10.91 ? 15  PRO A CD  1 
HETATM 100 N N   . HYP A 1 16 ? 2.443   -8.259  2.234   1.00 10.16 ? 16  HYP A N   1 
HETATM 101 C CA  . HYP A 1 16 ? 2.062   -9.135  3.350   1.00 9.91  ? 16  HYP A CA  1 
HETATM 102 C C   . HYP A 1 16 ? 3.055   -8.952  4.497   1.00 9.84  ? 16  HYP A C   1 
HETATM 103 O O   . HYP A 1 16 ? 4.223   -8.610  4.267   1.00 9.74  ? 16  HYP A O   1 
HETATM 104 C CB  . HYP A 1 16 ? 2.163   -10.540 2.747   1.00 10.32 ? 16  HYP A CB  1 
HETATM 105 C CG  . HYP A 1 16 ? 1.837   -10.313 1.325   1.00 10.73 ? 16  HYP A CG  1 
HETATM 106 C CD  . HYP A 1 16 ? 2.598   -9.039  0.990   1.00 10.69 ? 16  HYP A CD  1 
HETATM 107 O OD1 . HYP A 1 16 ? 0.437   -10.221 1.078   1.00 13.31 ? 16  HYP A OD1 1 
ATOM   108 N N   . GLY A 1 17 ? 2.599   -9.188  5.723   1.00 9.68  ? 17  GLY A N   1 
ATOM   109 C CA  . GLY A 1 17 ? 3.480   -9.032  6.867   1.00 8.40  ? 17  GLY A CA  1 
ATOM   110 C C   . GLY A 1 17 ? 4.514   -10.140 6.952   1.00 9.40  ? 17  GLY A C   1 
ATOM   111 O O   . GLY A 1 17 ? 4.438   -11.135 6.219   1.00 7.98  ? 17  GLY A O   1 
ATOM   112 N N   . PRO A 1 18 ? 5.513   -9.989  7.834   1.00 9.59  ? 18  PRO A N   1 
ATOM   113 C CA  . PRO A 1 18 ? 6.544   -11.021 7.977   1.00 10.06 ? 18  PRO A CA  1 
ATOM   114 C C   . PRO A 1 18 ? 6.048   -12.223 8.787   1.00 10.22 ? 18  PRO A C   1 
ATOM   115 O O   . PRO A 1 18 ? 4.987   -12.168 9.419   1.00 8.98  ? 18  PRO A O   1 
ATOM   116 C CB  . PRO A 1 18 ? 7.681   -10.274 8.669   1.00 10.56 ? 18  PRO A CB  1 
ATOM   117 C CG  . PRO A 1 18 ? 6.954   -9.275  9.518   1.00 11.59 ? 18  PRO A CG  1 
ATOM   118 C CD  . PRO A 1 18 ? 5.864   -8.775  8.593   1.00 9.61  ? 18  PRO A CD  1 
HETATM 119 N N   . HYP A 1 19 ? 6.808   -13.332 8.766   1.00 11.06 ? 19  HYP A N   1 
HETATM 120 C CA  . HYP A 1 19 ? 6.436   -14.542 9.507   1.00 11.58 ? 19  HYP A CA  1 
HETATM 121 C C   . HYP A 1 19 ? 6.258   -14.224 10.987  1.00 12.31 ? 19  HYP A C   1 
HETATM 122 O O   . HYP A 1 19 ? 6.927   -13.338 11.524  1.00 13.93 ? 19  HYP A O   1 
HETATM 123 C CB  . HYP A 1 19 ? 7.622   -15.479 9.278   1.00 11.91 ? 19  HYP A CB  1 
HETATM 124 C CG  . HYP A 1 19 ? 8.156   -15.036 7.957   1.00 11.44 ? 19  HYP A CG  1 
HETATM 125 C CD  . HYP A 1 19 ? 8.045   -13.538 7.990   1.00 11.41 ? 19  HYP A CD  1 
HETATM 126 O OD1 . HYP A 1 19 ? 7.508   -15.628 6.842   1.00 13.14 ? 19  HYP A OD1 1 
ATOM   127 N N   . GLY A 1 20 ? 5.356   -14.941 11.646  1.00 13.74 ? 20  GLY A N   1 
ATOM   128 C CA  . GLY A 1 20 ? 5.140   -14.709 13.059  1.00 16.31 ? 20  GLY A CA  1 
ATOM   129 C C   . GLY A 1 20 ? 6.279   -15.298 13.873  1.00 18.32 ? 20  GLY A C   1 
ATOM   130 O O   . GLY A 1 20 ? 7.174   -15.938 13.309  1.00 16.93 ? 20  GLY A O   1 
ATOM   131 N N   . PRO A 1 21 ? 6.282   -15.095 15.201  1.00 20.58 ? 21  PRO A N   1 
ATOM   132 C CA  . PRO A 1 21 ? 7.352   -15.642 16.042  1.00 22.49 ? 21  PRO A CA  1 
ATOM   133 C C   . PRO A 1 21 ? 7.208   -17.146 16.233  1.00 24.44 ? 21  PRO A C   1 
ATOM   134 O O   . PRO A 1 21 ? 6.124   -17.707 16.056  1.00 23.80 ? 21  PRO A O   1 
ATOM   135 C CB  . PRO A 1 21 ? 7.183   -14.874 17.349  1.00 22.92 ? 21  PRO A CB  1 
ATOM   136 C CG  . PRO A 1 21 ? 5.705   -14.689 17.424  1.00 22.28 ? 21  PRO A CG  1 
ATOM   137 C CD  . PRO A 1 21 ? 5.345   -14.289 16.005  1.00 21.28 ? 21  PRO A CD  1 
HETATM 138 N N   . HYP A 1 22 ? 8.306   -17.822 16.603  1.00 27.05 ? 22  HYP A N   1 
HETATM 139 C CA  . HYP A 1 22 ? 8.308   -19.274 16.821  1.00 28.25 ? 22  HYP A CA  1 
HETATM 140 C C   . HYP A 1 22 ? 7.173   -19.710 17.743  1.00 28.70 ? 22  HYP A C   1 
HETATM 141 O O   . HYP A 1 22 ? 6.938   -19.097 18.783  1.00 30.10 ? 22  HYP A O   1 
HETATM 142 C CB  . HYP A 1 22 ? 9.683   -19.528 17.436  1.00 28.24 ? 22  HYP A CB  1 
HETATM 143 C CG  . HYP A 1 22 ? 10.520  -18.469 16.784  1.00 28.21 ? 22  HYP A CG  1 
HETATM 144 C CD  . HYP A 1 22 ? 9.639   -17.249 16.859  1.00 27.64 ? 22  HYP A CD  1 
HETATM 145 O OD1 . HYP A 1 22 ? 10.904  -18.787 15.455  1.00 29.69 ? 22  HYP A OD1 1 
HETATM 146 N N   . NH2 A 1 23 ? 6.456   -20.766 17.367  1.00 29.44 ? 23  NH2 A N   1 
HETATM 147 C C   . ACE B 1 1  ? -3.578  21.855  -19.931 1.00 25.65 ? 1   ACE B C   1 
HETATM 148 O O   . ACE B 1 1  ? -4.353  22.635  -19.375 1.00 26.53 ? 1   ACE B O   1 
HETATM 149 C CH3 . ACE B 1 1  ? -3.884  21.312  -21.303 1.00 26.45 ? 1   ACE B CH3 1 
ATOM   150 N N   . GLY B 1 2  ? -2.442  21.447  -19.375 1.00 25.43 ? 2   GLY B N   1 
ATOM   151 C CA  . GLY B 1 2  ? -2.063  21.919  -18.056 1.00 24.24 ? 2   GLY B CA  1 
ATOM   152 C C   . GLY B 1 2  ? -1.132  20.975  -17.312 1.00 23.88 ? 2   GLY B C   1 
ATOM   153 O O   . GLY B 1 2  ? -0.768  19.915  -17.832 1.00 24.09 ? 2   GLY B O   1 
ATOM   154 N N   . PRO B 1 3  ? -0.724  21.338  -16.085 1.00 22.64 ? 3   PRO B N   1 
ATOM   155 C CA  . PRO B 1 3  ? 0.173   20.528  -15.255 1.00 22.18 ? 3   PRO B CA  1 
ATOM   156 C C   . PRO B 1 3  ? -0.523  19.259  -14.764 1.00 21.67 ? 3   PRO B C   1 
ATOM   157 O O   . PRO B 1 3  ? -1.750  19.218  -14.664 1.00 20.86 ? 3   PRO B O   1 
ATOM   158 C CB  . PRO B 1 3  ? 0.511   21.466  -14.090 1.00 22.27 ? 3   PRO B CB  1 
ATOM   159 C CG  . PRO B 1 3  ? 0.244   22.843  -14.642 1.00 22.80 ? 3   PRO B CG  1 
ATOM   160 C CD  . PRO B 1 3  ? -1.010  22.623  -15.431 1.00 22.53 ? 3   PRO B CD  1 
HETATM 161 N N   . HYP B 1 4  ? 0.252   18.202  -14.465 1.00 20.70 ? 4   HYP B N   1 
HETATM 162 C CA  . HYP B 1 4  ? -0.343  16.951  -13.981 1.00 19.98 ? 4   HYP B CA  1 
HETATM 163 C C   . HYP B 1 4  ? -0.967  17.188  -12.611 1.00 18.30 ? 4   HYP B C   1 
HETATM 164 O O   . HYP B 1 4  ? -0.532  18.080  -11.876 1.00 17.95 ? 4   HYP B O   1 
HETATM 165 C CB  . HYP B 1 4  ? 0.854   16.003  -13.892 1.00 20.92 ? 4   HYP B CB  1 
HETATM 166 C CG  . HYP B 1 4  ? 1.781   16.532  -14.921 1.00 21.55 ? 4   HYP B CG  1 
HETATM 167 C CD  . HYP B 1 4  ? 1.689   18.025  -14.731 1.00 21.40 ? 4   HYP B CD  1 
HETATM 168 O OD1 . HYP B 1 4  ? 1.459   16.109  -16.237 1.00 21.77 ? 4   HYP B OD1 1 
ATOM   169 N N   . GLY B 1 5  ? -1.976  16.393  -12.272 1.00 16.25 ? 5   GLY B N   1 
ATOM   170 C CA  . GLY B 1 5  ? -2.633  16.535  -10.983 1.00 14.59 ? 5   GLY B CA  1 
ATOM   171 C C   . GLY B 1 5  ? -1.772  16.005  -9.850  1.00 13.79 ? 5   GLY B C   1 
ATOM   172 O O   . GLY B 1 5  ? -0.678  15.495  -10.096 1.00 11.87 ? 5   GLY B O   1 
ATOM   173 N N   . PRO B 1 6  ? -2.225  16.119  -8.593  1.00 13.64 ? 6   PRO B N   1 
ATOM   174 C CA  . PRO B 1 6  ? -1.426  15.618  -7.472  1.00 13.81 ? 6   PRO B CA  1 
ATOM   175 C C   . PRO B 1 6  ? -1.425  14.096  -7.429  1.00 13.26 ? 6   PRO B C   1 
ATOM   176 O O   . PRO B 1 6  ? -2.252  13.449  -8.077  1.00 13.41 ? 6   PRO B O   1 
ATOM   177 C CB  . PRO B 1 6  ? -2.101  16.245  -6.255  1.00 14.03 ? 6   PRO B CB  1 
ATOM   178 C CG  . PRO B 1 6  ? -3.512  16.371  -6.678  1.00 14.16 ? 6   PRO B CG  1 
ATOM   179 C CD  . PRO B 1 6  ? -3.410  16.847  -8.109  1.00 14.38 ? 6   PRO B CD  1 
HETATM 180 N N   . HYP B 1 7  ? -0.486  13.500  -6.678  1.00 12.11 ? 7   HYP B N   1 
HETATM 181 C CA  . HYP B 1 7  ? -0.410  12.036  -6.577  1.00 11.40 ? 7   HYP B CA  1 
HETATM 182 C C   . HYP B 1 7  ? -1.640  11.482  -5.865  1.00 11.23 ? 7   HYP B C   1 
HETATM 183 O O   . HYP B 1 7  ? -2.248  12.173  -5.047  1.00 9.84  ? 7   HYP B O   1 
HETATM 184 C CB  . HYP B 1 7  ? 0.863   11.801  -5.756  1.00 12.25 ? 7   HYP B CB  1 
HETATM 185 C CG  . HYP B 1 7  ? 1.652   13.082  -5.951  1.00 10.83 ? 7   HYP B CG  1 
HETATM 186 C CD  . HYP B 1 7  ? 0.594   14.138  -5.905  1.00 12.71 ? 7   HYP B CD  1 
HETATM 187 O OD1 . HYP B 1 7  ? 2.400   13.112  -7.159  1.00 11.64 ? 7   HYP B OD1 1 
ATOM   188 N N   . GLY B 1 8  ? -1.992  10.238  -6.171  1.00 10.01 ? 8   GLY B N   1 
ATOM   189 C CA  . GLY B 1 8  ? -3.140  9.622   -5.529  1.00 10.07 ? 8   GLY B CA  1 
ATOM   190 C C   . GLY B 1 8  ? -2.858  9.271   -4.078  1.00 10.19 ? 8   GLY B C   1 
ATOM   191 O O   . GLY B 1 8  ? -1.729  9.401   -3.609  1.00 10.20 ? 8   GLY B O   1 
ATOM   192 N N   . PHE B 1 9  ? -3.880  8.814   -3.360  1.00 10.39 ? 9   PHE B N   1 
ATOM   193 C CA  . PHE B 1 9  ? -3.714  8.448   -1.956  1.00 11.87 ? 9   PHE B CA  1 
ATOM   194 C C   . PHE B 1 9  ? -3.016  7.100   -1.806  1.00 12.27 ? 9   PHE B C   1 
ATOM   195 O O   . PHE B 1 9  ? -3.003  6.293   -2.731  1.00 12.69 ? 9   PHE B O   1 
ATOM   196 C CB  . PHE B 1 9  ? -5.072  8.382   -1.265  1.00 13.00 ? 9   PHE B CB  1 
ATOM   197 C CG  . PHE B 1 9  ? -5.775  9.698   -1.185  1.00 15.00 ? 9   PHE B CG  1 
ATOM   198 C CD1 . PHE B 1 9  ? -6.946  9.921   -1.901  1.00 16.10 ? 9   PHE B CD1 1 
ATOM   199 C CD2 . PHE B 1 9  ? -5.282  10.714  -0.373  1.00 16.02 ? 9   PHE B CD2 1 
ATOM   200 C CE1 . PHE B 1 9  ? -7.617  11.131  -1.807  1.00 17.00 ? 9   PHE B CE1 1 
ATOM   201 C CE2 . PHE B 1 9  ? -5.946  11.931  -0.273  1.00 17.07 ? 9   PHE B CE2 1 
ATOM   202 C CZ  . PHE B 1 9  ? -7.120  12.139  -0.994  1.00 17.86 ? 9   PHE B CZ  1 
HETATM 203 N N   . HYP B 1 10 ? -2.421  6.843   -0.628  1.00 14.22 ? 10  HYP B N   1 
HETATM 204 C CA  . HYP B 1 10 ? -1.722  5.578   -0.356  1.00 14.12 ? 10  HYP B CA  1 
HETATM 205 C C   . HYP B 1 10 ? -2.712  4.421   -0.350  1.00 14.57 ? 10  HYP B C   1 
HETATM 206 O O   . HYP B 1 10 ? -3.899  4.616   -0.082  1.00 14.57 ? 10  HYP B O   1 
HETATM 207 C CB  . HYP B 1 10 ? -1.114  5.797   1.036   1.00 15.83 ? 10  HYP B CB  1 
HETATM 208 C CG  . HYP B 1 10 ? -0.976  7.285   1.126   1.00 15.61 ? 10  HYP B CG  1 
HETATM 209 C CD  . HYP B 1 10 ? -2.241  7.795   0.483   1.00 15.57 ? 10  HYP B CD  1 
HETATM 210 O OD1 . HYP B 1 10 ? 0.206   7.796   0.516   1.00 17.68 ? 10  HYP B OD1 1 
ATOM   211 N N   . GLY B 1 11 ? -2.229  3.220   -0.649  1.00 13.49 ? 11  GLY B N   1 
ATOM   212 C CA  . GLY B 1 11 ? -3.100  2.063   -0.639  1.00 12.46 ? 11  GLY B CA  1 
ATOM   213 C C   . GLY B 1 11 ? -3.394  1.670   0.796   1.00 13.10 ? 11  GLY B C   1 
ATOM   214 O O   . GLY B 1 11 ? -2.926  2.332   1.727   1.00 13.37 ? 11  GLY B O   1 
ATOM   215 N N   . GLU B 1 12 ? -4.160  0.599   0.976   1.00 14.06 ? 12  GLU B N   1 
ATOM   216 C CA  . GLU B 1 12 ? -4.501  0.125   2.311   1.00 14.92 ? 12  GLU B CA  1 
ATOM   217 C C   . GLU B 1 12 ? -3.413  -0.811  2.819   1.00 14.34 ? 12  GLU B C   1 
ATOM   218 O O   . GLU B 1 12 ? -2.500  -1.172  2.073   1.00 14.21 ? 12  GLU B O   1 
ATOM   219 C CB  . GLU B 1 12 ? -5.846  -0.593  2.293   1.00 16.72 ? 12  GLU B CB  1 
ATOM   220 C CG  . GLU B 1 12 ? -6.998  0.367   2.095   1.00 21.28 ? 12  GLU B CG  1 
ATOM   221 C CD  . GLU B 1 12 ? -8.016  -0.153  1.102   1.00 23.63 ? 12  GLU B CD  1 
ATOM   222 O OE1 . GLU B 1 12 ? -8.740  -1.129  1.433   1.00 25.94 ? 12  GLU B OE1 1 
ATOM   223 O OE2 . GLU B 1 12 ? -8.077  0.409   -0.019  1.00 24.93 ? 12  GLU B OE2 1 
ATOM   224 N N   . ARG B 1 13 ? -3.514  -1.213  4.082   1.00 13.03 ? 13  ARG B N   1 
ATOM   225 C CA  . ARG B 1 13 ? -2.504  -2.080  4.679   1.00 12.32 ? 13  ARG B CA  1 
ATOM   226 C C   . ARG B 1 13 ? -2.520  -3.517  4.164   1.00 11.97 ? 13  ARG B C   1 
ATOM   227 O O   . ARG B 1 13 ? -3.581  -4.066  3.837   1.00 11.09 ? 13  ARG B O   1 
ATOM   228 C CB  . ARG B 1 13 ? -2.659  -2.067  6.205   1.00 11.66 ? 13  ARG B CB  1 
ATOM   229 C CG  . ARG B 1 13 ? -1.507  -2.741  6.967   1.00 10.69 ? 13  ARG B CG  1 
ATOM   230 C CD  . ARG B 1 13 ? -1.513  -2.353  8.464   1.00 10.63 ? 13  ARG B CD  1 
ATOM   231 N NE  . ARG B 1 13 ? -2.595  -2.978  9.233   1.00 9.75  ? 13  ARG B NE  1 
ATOM   232 C CZ  . ARG B 1 13 ? -2.806  -2.766  10.533  1.00 8.90  ? 13  ARG B CZ  1 
ATOM   233 N NH1 . ARG B 1 13 ? -2.009  -1.943  11.204  1.00 9.01  ? 13  ARG B NH1 1 
ATOM   234 N NH2 . ARG B 1 13 ? -3.796  -3.387  11.169  1.00 8.68  ? 13  ARG B NH2 1 
ATOM   235 N N   . GLY B 1 14 ? -1.333  -4.124  4.101   1.00 11.56 ? 14  GLY B N   1 
ATOM   236 C CA  . GLY B 1 14 ? -1.216  -5.496  3.633   1.00 11.39 ? 14  GLY B CA  1 
ATOM   237 C C   . GLY B 1 14 ? -1.762  -6.509  4.622   1.00 11.62 ? 14  GLY B C   1 
ATOM   238 O O   . GLY B 1 14 ? -1.992  -6.179  5.785   1.00 11.98 ? 14  GLY B O   1 
ATOM   239 N N   . PRO B 1 15 ? -1.980  -7.763  4.185   1.00 11.61 ? 15  PRO B N   1 
ATOM   240 C CA  . PRO B 1 15 ? -2.502  -8.866  4.998   1.00 11.83 ? 15  PRO B CA  1 
ATOM   241 C C   . PRO B 1 15 ? -1.494  -9.358  6.040   1.00 10.95 ? 15  PRO B C   1 
ATOM   242 O O   . PRO B 1 15 ? -0.289  -9.142  5.896   1.00 11.41 ? 15  PRO B O   1 
ATOM   243 C CB  . PRO B 1 15 ? -2.788  -9.958  3.966   1.00 12.32 ? 15  PRO B CB  1 
ATOM   244 C CG  . PRO B 1 15 ? -2.807  -9.242  2.650   1.00 14.69 ? 15  PRO B CG  1 
ATOM   245 C CD  . PRO B 1 15 ? -1.753  -8.209  2.800   1.00 11.51 ? 15  PRO B CD  1 
HETATM 246 N N   . HYP B 1 16 ? -1.978  -10.028 7.101   1.00 11.22 ? 16  HYP B N   1 
HETATM 247 C CA  . HYP B 1 16 ? -1.082  -10.548 8.144   1.00 11.52 ? 16  HYP B CA  1 
HETATM 248 C C   . HYP B 1 16 ? -0.081  -11.530 7.536   1.00 11.36 ? 16  HYP B C   1 
HETATM 249 O O   . HYP B 1 16 ? -0.381  -12.187 6.533   1.00 11.84 ? 16  HYP B O   1 
HETATM 250 C CB  . HYP B 1 16 ? -2.035  -11.263 9.104   1.00 12.01 ? 16  HYP B CB  1 
HETATM 251 C CG  . HYP B 1 16 ? -3.298  -10.500 8.957   1.00 11.39 ? 16  HYP B CG  1 
HETATM 252 C CD  . HYP B 1 16 ? -3.392  -10.222 7.475   1.00 11.72 ? 16  HYP B CD  1 
HETATM 253 O OD1 . HYP B 1 16 ? -3.353  -9.335  9.762   1.00 13.35 ? 16  HYP B OD1 1 
ATOM   254 N N   . GLY B 1 17 ? 1.096   -11.635 8.150   1.00 10.58 ? 17  GLY B N   1 
ATOM   255 C CA  . GLY B 1 17 ? 2.106   -12.555 7.658   1.00 10.53 ? 17  GLY B CA  1 
ATOM   256 C C   . GLY B 1 17 ? 1.744   -13.998 7.964   1.00 11.55 ? 17  GLY B C   1 
ATOM   257 O O   . GLY B 1 17 ? 0.753   -14.260 8.654   1.00 11.10 ? 17  GLY B O   1 
ATOM   258 N N   . PRO B 1 18 ? 2.522   -14.965 7.457   1.00 11.47 ? 18  PRO B N   1 
ATOM   259 C CA  . PRO B 1 18 ? 2.214   -16.372 7.727   1.00 13.34 ? 18  PRO B CA  1 
ATOM   260 C C   . PRO B 1 18 ? 2.534   -16.775 9.164   1.00 14.37 ? 18  PRO B C   1 
ATOM   261 O O   . PRO B 1 18 ? 3.303   -16.103 9.856   1.00 13.28 ? 18  PRO B O   1 
ATOM   262 C CB  . PRO B 1 18 ? 3.064   -17.117 6.700   1.00 14.08 ? 18  PRO B CB  1 
ATOM   263 C CG  . PRO B 1 18 ? 4.253   -16.215 6.528   1.00 13.73 ? 18  PRO B CG  1 
ATOM   264 C CD  . PRO B 1 18 ? 3.632   -14.835 6.496   1.00 13.18 ? 18  PRO B CD  1 
HETATM 265 N N   . HYP B 1 19 ? 1.927   -17.870 9.639   1.00 15.69 ? 19  HYP B N   1 
HETATM 266 C CA  . HYP B 1 19 ? 2.193   -18.319 11.011  1.00 17.30 ? 19  HYP B CA  1 
HETATM 267 C C   . HYP B 1 19 ? 3.692   -18.541 11.180  1.00 17.30 ? 19  HYP B C   1 
HETATM 268 O O   . HYP B 1 19 ? 4.390   -18.821 10.210  1.00 18.19 ? 19  HYP B O   1 
HETATM 269 C CB  . HYP B 1 19 ? 1.403   -19.624 11.112  1.00 17.53 ? 19  HYP B CB  1 
HETATM 270 C CG  . HYP B 1 19 ? 0.259   -19.389 10.151  1.00 17.24 ? 19  HYP B CG  1 
HETATM 271 C CD  . HYP B 1 19 ? 0.942   -18.743 8.974   1.00 17.40 ? 19  HYP B CD  1 
HETATM 272 O OD1 . HYP B 1 19 ? -0.768  -18.580 10.696  1.00 18.95 ? 19  HYP B OD1 1 
ATOM   273 N N   . GLY B 1 20 ? 4.184   -18.410 12.407  1.00 18.39 ? 20  GLY B N   1 
ATOM   274 C CA  . GLY B 1 20 ? 5.600   -18.606 12.653  1.00 20.55 ? 20  GLY B CA  1 
ATOM   275 C C   . GLY B 1 20 ? 6.015   -20.069 12.633  1.00 22.85 ? 20  GLY B C   1 
ATOM   276 O O   . GLY B 1 20 ? 5.165   -20.961 12.581  1.00 22.42 ? 20  GLY B O   1 
ATOM   277 N N   . PRO B 1 21 ? 7.324   -20.352 12.660  1.00 24.18 ? 21  PRO B N   1 
ATOM   278 C CA  . PRO B 1 21 ? 7.788   -21.743 12.646  1.00 26.40 ? 21  PRO B CA  1 
ATOM   279 C C   . PRO B 1 21 ? 7.529   -22.393 14.005  1.00 27.69 ? 21  PRO B C   1 
ATOM   280 O O   . PRO B 1 21 ? 7.541   -21.715 15.029  1.00 28.43 ? 21  PRO B O   1 
ATOM   281 C CB  . PRO B 1 21 ? 9.273   -21.604 12.335  1.00 25.75 ? 21  PRO B CB  1 
ATOM   282 C CG  . PRO B 1 21 ? 9.626   -20.315 13.021  1.00 25.33 ? 21  PRO B CG  1 
ATOM   283 C CD  . PRO B 1 21 ? 8.461   -19.415 12.657  1.00 25.22 ? 21  PRO B CD  1 
HETATM 284 N N   . HYP B 1 22 ? 7.292   -23.714 14.029  1.00 29.71 ? 22  HYP B N   1 
HETATM 285 C CA  . HYP B 1 22 ? 7.033   -24.425 15.288  1.00 30.59 ? 22  HYP B CA  1 
HETATM 286 C C   . HYP B 1 22 ? 8.049   -24.072 16.376  1.00 31.43 ? 22  HYP B C   1 
HETATM 287 O O   . HYP B 1 22 ? 9.255   -24.006 16.122  1.00 32.18 ? 22  HYP B O   1 
HETATM 288 C CB  . HYP B 1 22 ? 7.112   -25.899 14.885  1.00 30.75 ? 22  HYP B CB  1 
HETATM 289 C CG  . HYP B 1 22 ? 6.641   -25.881 13.473  1.00 30.69 ? 22  HYP B CG  1 
HETATM 290 C CD  . HYP B 1 22 ? 7.267   -24.637 12.878  1.00 30.12 ? 22  HYP B CD  1 
HETATM 291 O OD1 . HYP B 1 22 ? 5.226   -25.943 13.327  1.00 31.55 ? 22  HYP B OD1 1 
HETATM 292 N N   . NH2 B 1 23 ? 7.570   -23.838 17.593  1.00 31.93 ? 23  NH2 B N   1 
HETATM 293 C C   . ACE C 1 1  ? -5.922  19.706  -18.056 1.00 24.94 ? 1   ACE C C   1 
HETATM 294 O O   . ACE C 1 1  ? -5.948  19.132  -19.149 1.00 24.35 ? 1   ACE C O   1 
HETATM 295 C CH3 . ACE C 1 1  ? -7.052  20.610  -17.638 1.00 24.33 ? 1   ACE C CH3 1 
ATOM   296 N N   . GLY C 1 2  ? -4.922  19.577  -17.186 1.00 23.51 ? 2   GLY C N   1 
ATOM   297 C CA  . GLY C 1 2  ? -3.779  18.732  -17.482 1.00 23.06 ? 2   GLY C CA  1 
ATOM   298 C C   . GLY C 1 2  ? -4.072  17.268  -17.219 1.00 22.03 ? 2   GLY C C   1 
ATOM   299 O O   . GLY C 1 2  ? -5.195  16.925  -16.845 1.00 21.76 ? 2   GLY C O   1 
ATOM   300 N N   . PRO C 1 3  ? -3.086  16.375  -17.408 1.00 21.18 ? 3   PRO C N   1 
ATOM   301 C CA  . PRO C 1 3  ? -3.295  14.945  -17.173 1.00 20.39 ? 3   PRO C CA  1 
ATOM   302 C C   . PRO C 1 3  ? -3.434  14.596  -15.694 1.00 18.88 ? 3   PRO C C   1 
ATOM   303 O O   . PRO C 1 3  ? -3.022  15.359  -14.815 1.00 18.02 ? 3   PRO C O   1 
ATOM   304 C CB  . PRO C 1 3  ? -2.059  14.308  -17.797 1.00 20.89 ? 3   PRO C CB  1 
ATOM   305 C CG  . PRO C 1 3  ? -1.014  15.337  -17.564 1.00 22.38 ? 3   PRO C CG  1 
ATOM   306 C CD  . PRO C 1 3  ? -1.725  16.624  -17.915 1.00 21.70 ? 3   PRO C CD  1 
HETATM 307 N N   . HYP C 1 4  ? -4.028  13.431  -15.403 1.00 18.22 ? 4   HYP C N   1 
HETATM 308 C CA  . HYP C 1 4  ? -4.221  12.978  -14.021 1.00 16.89 ? 4   HYP C CA  1 
HETATM 309 C C   . HYP C 1 4  ? -2.862  12.827  -13.350 1.00 15.55 ? 4   HYP C C   1 
HETATM 310 O O   . HYP C 1 4  ? -1.852  12.634  -14.028 1.00 15.19 ? 4   HYP C O   1 
HETATM 311 C CB  . HYP C 1 4  ? -4.926  11.632  -14.192 1.00 17.65 ? 4   HYP C CB  1 
HETATM 312 C CG  . HYP C 1 4  ? -5.619  11.778  -15.542 1.00 18.81 ? 4   HYP C CG  1 
HETATM 313 C CD  . HYP C 1 4  ? -4.573  12.455  -16.364 1.00 18.22 ? 4   HYP C CD  1 
HETATM 314 O OD1 . HYP C 1 4  ? -6.834  12.518  -15.487 1.00 18.98 ? 4   HYP C OD1 1 
ATOM   315 N N   . GLY C 1 5  ? -2.831  12.915  -12.023 1.00 13.50 ? 5   GLY C N   1 
ATOM   316 C CA  . GLY C 1 5  ? -1.573  12.769  -11.325 1.00 12.76 ? 5   GLY C CA  1 
ATOM   317 C C   . GLY C 1 5  ? -1.127  11.318  -11.335 1.00 11.75 ? 5   GLY C C   1 
ATOM   318 O O   . GLY C 1 5  ? -1.852  10.451  -11.828 1.00 11.52 ? 5   GLY C O   1 
ATOM   319 N N   . PRO C 1 6  ? 0.072   11.020  -10.816 1.00 11.93 ? 6   PRO C N   1 
ATOM   320 C CA  . PRO C 1 6  ? 0.568   9.640   -10.783 1.00 12.22 ? 6   PRO C CA  1 
ATOM   321 C C   . PRO C 1 6  ? -0.142  8.847   -9.679  1.00 12.07 ? 6   PRO C C   1 
ATOM   322 O O   . PRO C 1 6  ? -0.762  9.430   -8.787  1.00 11.47 ? 6   PRO C O   1 
ATOM   323 C CB  . PRO C 1 6  ? 2.056   9.821   -10.506 1.00 12.97 ? 6   PRO C CB  1 
ATOM   324 C CG  . PRO C 1 6  ? 2.072   11.037  -9.629  1.00 13.32 ? 6   PRO C CG  1 
ATOM   325 C CD  . PRO C 1 6  ? 1.090   11.962  -10.314 1.00 12.32 ? 6   PRO C CD  1 
HETATM 326 N N   . HYP C 1 7  ? -0.080  7.507   -9.737  1.00 12.77 ? 7   HYP C N   1 
HETATM 327 C CA  . HYP C 1 7  ? -0.733  6.682   -8.713  1.00 12.98 ? 7   HYP C CA  1 
HETATM 328 C C   . HYP C 1 7  ? -0.134  6.929   -7.329  1.00 14.61 ? 7   HYP C C   1 
HETATM 329 O O   . HYP C 1 7  ? 1.004   7.398   -7.203  1.00 13.50 ? 7   HYP C O   1 
HETATM 330 C CB  . HYP C 1 7  ? -0.472  5.251   -9.189  1.00 14.41 ? 7   HYP C CB  1 
HETATM 331 C CG  . HYP C 1 7  ? -0.345  5.393   -10.662 1.00 13.33 ? 7   HYP C CG  1 
HETATM 332 C CD  . HYP C 1 7  ? 0.460   6.668   -10.823 1.00 13.57 ? 7   HYP C CD  1 
HETATM 333 O OD1 . HYP C 1 7  ? -1.595  5.424   -11.333 1.00 16.01 ? 7   HYP C OD1 1 
ATOM   334 N N   . GLY C 1 8  ? -0.906  6.602   -6.297  1.00 14.03 ? 8   GLY C N   1 
ATOM   335 C CA  . GLY C 1 8  ? -0.440  6.783   -4.933  1.00 16.14 ? 8   GLY C CA  1 
ATOM   336 C C   . GLY C 1 8  ? 0.622   5.768   -4.553  1.00 16.48 ? 8   GLY C C   1 
ATOM   337 O O   . GLY C 1 8  ? 0.925   4.861   -5.324  1.00 17.53 ? 8   GLY C O   1 
ATOM   338 N N   . PHE C 1 9  ? 1.181   5.912   -3.358  1.00 18.24 ? 9   PHE C N   1 
ATOM   339 C CA  . PHE C 1 9  ? 2.223   5.008   -2.875  1.00 19.66 ? 9   PHE C CA  1 
ATOM   340 C C   . PHE C 1 9  ? 1.575   3.735   -2.297  1.00 19.18 ? 9   PHE C C   1 
ATOM   341 O O   . PHE C 1 9  ? 0.380   3.723   -1.983  1.00 18.34 ? 9   PHE C O   1 
ATOM   342 C CB  . PHE C 1 9  ? 3.049   5.708   -1.784  1.00 21.92 ? 9   PHE C CB  1 
ATOM   343 C CG  . PHE C 1 9  ? 3.418   7.146   -2.105  1.00 24.03 ? 9   PHE C CG  1 
ATOM   344 C CD1 . PHE C 1 9  ? 3.792   8.017   -1.083  1.00 24.76 ? 9   PHE C CD1 1 
ATOM   345 C CD2 . PHE C 1 9  ? 3.408   7.624   -3.415  1.00 25.13 ? 9   PHE C CD2 1 
ATOM   346 C CE1 . PHE C 1 9  ? 4.147   9.339   -1.357  1.00 25.11 ? 9   PHE C CE1 1 
ATOM   347 C CE2 . PHE C 1 9  ? 3.761   8.946   -3.703  1.00 25.49 ? 9   PHE C CE2 1 
ATOM   348 C CZ  . PHE C 1 9  ? 4.131   9.805   -2.674  1.00 25.71 ? 9   PHE C CZ  1 
HETATM 349 N N   . HYP C 1 10 ? 2.352   2.644   -2.154  1.00 18.38 ? 10  HYP C N   1 
HETATM 350 C CA  . HYP C 1 10 ? 1.812   1.389   -1.606  1.00 18.02 ? 10  HYP C CA  1 
HETATM 351 C C   . HYP C 1 10 ? 1.309   1.562   -0.170  1.00 16.63 ? 10  HYP C C   1 
HETATM 352 O O   . HYP C 1 10 ? 1.738   2.477   0.527   1.00 17.00 ? 10  HYP C O   1 
HETATM 353 C CB  . HYP C 1 10 ? 3.004   0.432   -1.677  1.00 18.91 ? 10  HYP C CB  1 
HETATM 354 C CG  . HYP C 1 10 ? 3.794   0.966   -2.820  1.00 18.92 ? 10  HYP C CG  1 
HETATM 355 C CD  . HYP C 1 10 ? 3.737   2.457   -2.621  1.00 18.81 ? 10  HYP C CD  1 
HETATM 356 O OD1 . HYP C 1 10 ? 3.304   0.552   -4.080  1.00 19.68 ? 10  HYP C OD1 1 
ATOM   357 N N   . GLY C 1 11 ? 0.408   0.683   0.265   1.00 16.32 ? 11  GLY C N   1 
ATOM   358 C CA  . GLY C 1 11 ? -0.130  0.761   1.617   1.00 15.07 ? 11  GLY C CA  1 
ATOM   359 C C   . GLY C 1 11 ? 0.840   0.267   2.673   1.00 15.42 ? 11  GLY C C   1 
ATOM   360 O O   . GLY C 1 11 ? 1.937   -0.179  2.346   1.00 13.75 ? 11  GLY C O   1 
ATOM   361 N N   . GLU C 1 12 ? 0.433   0.345   3.940   1.00 15.02 ? 12  GLU C N   1 
ATOM   362 C CA  . GLU C 1 12 ? 1.273   -0.086  5.058   1.00 15.55 ? 12  GLU C CA  1 
ATOM   363 C C   . GLU C 1 12 ? 1.588   -1.580  4.969   1.00 12.82 ? 12  GLU C C   1 
ATOM   364 O O   . GLU C 1 12 ? 0.822   -2.352  4.398   1.00 11.83 ? 12  GLU C O   1 
ATOM   365 C CB  . GLU C 1 12 ? 0.569   0.184   6.396   1.00 17.32 ? 12  GLU C CB  1 
ATOM   366 C CG  . GLU C 1 12 ? -0.207  1.496   6.483   1.00 22.04 ? 12  GLU C CG  1 
ATOM   367 C CD  . GLU C 1 12 ? -0.925  1.659   7.817   1.00 23.88 ? 12  GLU C CD  1 
ATOM   368 O OE1 . GLU C 1 12 ? -2.014  2.272   7.846   1.00 27.16 ? 12  GLU C OE1 1 
ATOM   369 O OE2 . GLU C 1 12 ? -0.399  1.181   8.840   1.00 26.29 ? 12  GLU C OE2 1 
ATOM   370 N N   . ARG C 1 13 ? 2.720   -1.977  5.541   1.00 11.95 ? 13  ARG C N   1 
ATOM   371 C CA  . ARG C 1 13 ? 3.129   -3.376  5.558   1.00 10.78 ? 13  ARG C CA  1 
ATOM   372 C C   . ARG C 1 13 ? 2.159   -4.103  6.490   1.00 10.55 ? 13  ARG C C   1 
ATOM   373 O O   . ARG C 1 13 ? 1.743   -3.550  7.508   1.00 9.48  ? 13  ARG C O   1 
ATOM   374 C CB  . ARG C 1 13 ? 4.560   -3.496  6.093   1.00 10.89 ? 13  ARG C CB  1 
ATOM   375 C CG  . ARG C 1 13 ? 5.100   -4.920  6.165   1.00 12.35 ? 13  ARG C CG  1 
ATOM   376 C CD  . ARG C 1 13 ? 6.508   -4.940  6.789   1.00 12.24 ? 13  ARG C CD  1 
ATOM   377 N NE  . ARG C 1 13 ? 7.411   -4.019  6.106   1.00 12.67 ? 13  ARG C NE  1 
ATOM   378 C CZ  . ARG C 1 13 ? 7.894   -4.198  4.881   1.00 11.68 ? 13  ARG C CZ  1 
ATOM   379 N NH1 . ARG C 1 13 ? 7.580   -5.277  4.175   1.00 13.04 ? 13  ARG C NH1 1 
ATOM   380 N NH2 . ARG C 1 13 ? 8.675   -3.275  4.343   1.00 14.16 ? 13  ARG C NH2 1 
ATOM   381 N N   . GLY C 1 14 ? 1.795   -5.335  6.142   1.00 9.13  ? 14  GLY C N   1 
ATOM   382 C CA  . GLY C 1 14 ? 0.869   -6.085  6.970   1.00 8.83  ? 14  GLY C CA  1 
ATOM   383 C C   . GLY C 1 14 ? 1.412   -6.417  8.350   1.00 8.69  ? 14  GLY C C   1 
ATOM   384 O O   . GLY C 1 14 ? 2.617   -6.340  8.585   1.00 8.65  ? 14  GLY C O   1 
ATOM   385 N N   . PRO C 1 15 ? 0.538   -6.790  9.294   1.00 8.55  ? 15  PRO C N   1 
ATOM   386 C CA  . PRO C 1 15 ? 0.984   -7.130  10.650  1.00 8.17  ? 15  PRO C CA  1 
ATOM   387 C C   . PRO C 1 15 ? 1.775   -8.442  10.633  1.00 8.43  ? 15  PRO C C   1 
ATOM   388 O O   . PRO C 1 15 ? 1.613   -9.253  9.726   1.00 7.85  ? 15  PRO C O   1 
ATOM   389 C CB  . PRO C 1 15 ? -0.327  -7.295  11.428  1.00 9.48  ? 15  PRO C CB  1 
ATOM   390 C CG  . PRO C 1 15 ? -1.359  -6.569  10.596  1.00 9.54  ? 15  PRO C CG  1 
ATOM   391 C CD  . PRO C 1 15 ? -0.930  -6.860  9.184   1.00 8.61  ? 15  PRO C CD  1 
HETATM 392 N N   . HYP C 1 16 ? 2.659   -8.654  11.619  1.00 8.26  ? 16  HYP C N   1 
HETATM 393 C CA  . HYP C 1 16 ? 3.408   -9.918  11.621  1.00 8.76  ? 16  HYP C CA  1 
HETATM 394 C C   . HYP C 1 16 ? 2.405   -11.070 11.763  1.00 9.53  ? 16  HYP C C   1 
HETATM 395 O O   . HYP C 1 16 ? 1.292   -10.873 12.253  1.00 8.28  ? 16  HYP C O   1 
HETATM 396 C CB  . HYP C 1 16 ? 4.300   -9.800  12.855  1.00 9.66  ? 16  HYP C CB  1 
HETATM 397 C CG  . HYP C 1 16 ? 4.531   -8.333  12.959  1.00 8.55  ? 16  HYP C CG  1 
HETATM 398 C CD  . HYP C 1 16 ? 3.181   -7.722  12.637  1.00 9.07  ? 16  HYP C CD  1 
HETATM 399 O OD1 . HYP C 1 16 ? 5.572   -7.871  12.114  1.00 11.64 ? 16  HYP C OD1 1 
ATOM   400 N N   . GLY C 1 17 ? 2.794   -12.266 11.340  1.00 9.60  ? 17  GLY C N   1 
ATOM   401 C CA  . GLY C 1 17 ? 1.893   -13.396 11.450  1.00 11.60 ? 17  GLY C CA  1 
ATOM   402 C C   . GLY C 1 17 ? 1.731   -13.866 12.885  1.00 13.48 ? 17  GLY C C   1 
ATOM   403 O O   . GLY C 1 17 ? 2.457   -13.415 13.776  1.00 12.72 ? 17  GLY C O   1 
ATOM   404 N N   . PRO C 1 18 ? 0.776   -14.771 13.146  1.00 15.87 ? 18  PRO C N   1 
ATOM   405 C CA  . PRO C 1 18 ? 0.567   -15.274 14.508  1.00 18.13 ? 18  PRO C CA  1 
ATOM   406 C C   . PRO C 1 18 ? 1.704   -16.226 14.903  1.00 19.96 ? 18  PRO C C   1 
ATOM   407 O O   . PRO C 1 18 ? 2.405   -16.756 14.044  1.00 18.41 ? 18  PRO C O   1 
ATOM   408 C CB  . PRO C 1 18 ? -0.776  -15.987 14.399  1.00 18.06 ? 18  PRO C CB  1 
ATOM   409 C CG  . PRO C 1 18 ? -0.727  -16.547 13.002  1.00 17.18 ? 18  PRO C CG  1 
ATOM   410 C CD  . PRO C 1 18 ? -0.173  -15.388 12.201  1.00 15.84 ? 18  PRO C CD  1 
HETATM 411 N N   . HYP C 1 19 ? 1.906   -16.441 16.212  1.00 21.64 ? 19  HYP C N   1 
HETATM 412 C CA  . HYP C 1 19 ? 2.968   -17.336 16.691  1.00 23.07 ? 19  HYP C CA  1 
HETATM 413 C C   . HYP C 1 19 ? 2.873   -18.707 16.029  1.00 24.34 ? 19  HYP C C   1 
HETATM 414 O O   . HYP C 1 19 ? 1.791   -19.132 15.614  1.00 24.12 ? 19  HYP C O   1 
HETATM 415 C CB  . HYP C 1 19 ? 2.707   -17.411 18.195  1.00 23.51 ? 19  HYP C CB  1 
HETATM 416 C CG  . HYP C 1 19 ? 2.116   -16.069 18.487  1.00 22.96 ? 19  HYP C CG  1 
HETATM 417 C CD  . HYP C 1 19 ? 1.172   -15.835 17.337  1.00 22.75 ? 19  HYP C CD  1 
HETATM 418 O OD1 . HYP C 1 19 ? 3.082   -15.043 18.633  1.00 24.24 ? 19  HYP C OD1 1 
ATOM   419 N N   . GLY C 1 20 ? 4.006   -19.391 15.926  1.00 25.49 ? 20  GLY C N   1 
ATOM   420 C CA  . GLY C 1 20 ? 4.015   -20.710 15.319  1.00 27.92 ? 20  GLY C CA  1 
ATOM   421 C C   . GLY C 1 20 ? 3.565   -21.769 16.310  1.00 29.12 ? 20  GLY C C   1 
ATOM   422 O O   . GLY C 1 20 ? 3.532   -21.509 17.513  1.00 29.42 ? 20  GLY C O   1 
ATOM   423 N N   . PRO C 1 21 ? 3.214   -22.976 15.835  1.00 30.27 ? 21  PRO C N   1 
ATOM   424 C CA  . PRO C 1 21 ? 2.761   -24.085 16.682  1.00 31.26 ? 21  PRO C CA  1 
ATOM   425 C C   . PRO C 1 21 ? 3.620   -24.285 17.923  1.00 31.59 ? 21  PRO C C   1 
ATOM   426 O O   . PRO C 1 21 ? 3.035   -24.420 19.019  1.00 32.65 ? 21  PRO C O   1 
ATOM   427 C CB  . PRO C 1 21 ? 2.824   -25.278 15.739  1.00 31.09 ? 21  PRO C CB  1 
ATOM   428 C CG  . PRO C 1 21 ? 2.433   -24.665 14.438  1.00 30.97 ? 21  PRO C CG  1 
ATOM   429 C CD  . PRO C 1 21 ? 3.254   -23.393 14.423  1.00 30.85 ? 21  PRO C CD  1 
HETATM 430 O O   . HOH D 2 .  ? -9.790  -0.966  -10.534 0.50 8.24  ? 24  HOH A O   1 
HETATM 431 O O   . HOH D 2 .  ? -6.753  9.834   -11.714 1.00 16.08 ? 25  HOH A O   1 
HETATM 432 O O   . HOH D 2 .  ? -8.450  9.044   -7.783  1.00 20.52 ? 29  HOH A O   1 
HETATM 433 O O   . HOH D 2 .  ? 10.085  -16.405 12.882  1.00 23.66 ? 33  HOH A O   1 
HETATM 434 O O   . HOH D 2 .  ? 2.204   -7.670  -2.472  1.00 31.36 ? 42  HOH A O   1 
HETATM 435 O O   . HOH D 2 .  ? -10.108 12.323  -7.031  1.00 18.15 ? 45  HOH A O   1 
HETATM 436 O O   . HOH D 2 .  ? 7.085   -14.712 4.209   1.00 23.93 ? 48  HOH A O   1 
HETATM 437 O O   . HOH D 2 .  ? 8.689   -15.981 20.487  1.00 29.35 ? 49  HOH A O   1 
HETATM 438 O O   . HOH D 2 .  ? -8.047  6.335   -1.941  1.00 24.18 ? 51  HOH A O   1 
HETATM 439 O O   . HOH D 2 .  ? -5.682  19.459  -9.215  1.00 28.14 ? 55  HOH A O   1 
HETATM 440 O O   . HOH D 2 .  ? 6.049   -11.828 4.123   1.00 16.64 ? 57  HOH A O   1 
HETATM 441 O O   . HOH D 2 .  ? -2.718  34.852  -21.772 1.00 63.14 ? 58  HOH A O   1 
HETATM 442 O O   . HOH D 2 .  ? 2.339   25.390  -13.267 1.00 30.05 ? 59  HOH A O   1 
HETATM 443 O O   . HOH D 2 .  ? 6.765   -7.977  5.331   1.00 11.89 ? 60  HOH A O   1 
HETATM 444 O O   . HOH D 2 .  ? 2.766   -3.748  -2.648  1.00 38.22 ? 63  HOH A O   1 
HETATM 445 O O   . HOH D 2 .  ? -6.178  8.503   -5.075  1.00 8.89  ? 64  HOH A O   1 
HETATM 446 O O   . HOH D 2 .  ? -7.478  -2.078  -9.106  1.00 13.04 ? 75  HOH A O   1 
HETATM 447 O O   . HOH D 2 .  ? -8.982  -0.471  -13.325 1.00 8.23  ? 76  HOH A O   1 
HETATM 448 O O   . HOH D 2 .  ? -8.540  7.872   -10.500 1.00 16.24 ? 77  HOH A O   1 
HETATM 449 O O   . HOH D 2 .  ? -8.988  11.799  -9.823  1.00 23.47 ? 78  HOH A O   1 
HETATM 450 O O   . HOH D 2 .  ? -9.197  10.742  -4.605  1.00 37.26 ? 79  HOH A O   1 
HETATM 451 O O   . HOH D 2 .  ? -10.307 7.880   -5.414  1.00 47.80 ? 80  HOH A O   1 
HETATM 452 O O   . HOH D 2 .  ? -12.582 14.437  -6.153  1.00 21.44 ? 81  HOH A O   1 
HETATM 453 O O   . HOH D 2 .  ? -5.269  -0.598  -3.877  1.00 15.37 ? 82  HOH A O   1 
HETATM 454 O O   . HOH D 2 .  ? 0.056   -9.956  -1.429  1.00 28.02 ? 83  HOH A O   1 
HETATM 455 O O   . HOH D 2 .  ? 0.161   21.949  -10.488 1.00 24.12 ? 91  HOH A O   1 
HETATM 456 O O   . HOH D 2 .  ? 0.571   34.473  -22.119 1.00 32.99 ? 94  HOH A O   1 
HETATM 457 O O   . HOH D 2 .  ? 5.361   -11.241 1.183   1.00 57.82 ? 101 HOH A O   1 
HETATM 458 O O   . HOH D 2 .  ? -1.082  -7.191  -0.953  1.00 35.29 ? 108 HOH A O   1 
HETATM 459 O O   . HOH D 2 .  ? -7.066  22.468  -8.787  1.00 57.63 ? 111 HOH A O   1 
HETATM 460 O O   . HOH D 2 .  ? -3.930  35.319  -18.880 0.50 22.61 ? 113 HOH A O   1 
HETATM 461 O O   . HOH D 2 .  ? 3.062   -3.645  -8.495  1.00 37.11 ? 129 HOH A O   1 
HETATM 462 O O   . HOH E 2 .  ? -4.882  12.424  -3.743  1.00 12.73 ? 26  HOH B O   1 
HETATM 463 O O   . HOH E 2 .  ? -3.827  -5.038  7.623   1.00 12.40 ? 32  HOH B O   1 
HETATM 464 O O   . HOH E 2 .  ? -5.294  -7.723  8.827   1.00 21.73 ? 35  HOH B O   1 
HETATM 465 O O   . HOH E 2 .  ? -1.363  19.265  -9.657  1.00 26.10 ? 36  HOH B O   1 
HETATM 466 O O   . HOH E 2 .  ? 2.936   17.528  -7.751  1.00 23.05 ? 43  HOH B O   1 
HETATM 467 O O   . HOH E 2 .  ? 7.236   -19.165 9.422   1.00 25.91 ? 44  HOH B O   1 
HETATM 468 O O   . HOH E 2 .  ? -3.872  -18.932 12.324  1.00 71.69 ? 47  HOH B O   1 
HETATM 469 O O   . HOH E 2 .  ? 7.809   -22.344 9.174   1.00 43.95 ? 52  HOH B O   1 
HETATM 470 O O   . HOH E 2 .  ? 4.559   5.990   1.941   1.00 49.02 ? 53  HOH B O   1 
HETATM 471 O O   . HOH E 2 .  ? -7.014  23.173  -20.197 1.00 33.54 ? 61  HOH B O   1 
HETATM 472 O O   . HOH E 2 .  ? -4.918  -14.000 7.597   1.00 18.61 ? 67  HOH B O   1 
HETATM 473 O O   . HOH E 2 .  ? 6.399   17.690  -4.455  1.00 16.61 ? 70  HOH B O   1 
HETATM 474 O O   . HOH E 2 .  ? -5.579  -7.448  5.541   1.00 38.02 ? 74  HOH B O   1 
HETATM 475 O O   . HOH E 2 .  ? -5.837  -1.129  -1.001  1.00 32.33 ? 84  HOH B O   1 
HETATM 476 O O   . HOH E 2 .  ? 1.699   15.107  -9.249  1.00 17.87 ? 86  HOH B O   1 
HETATM 477 O O   . HOH E 2 .  ? 5.846   12.063  -9.768  1.00 37.43 ? 87  HOH B O   1 
HETATM 478 O O   . HOH E 2 .  ? -2.602  -13.597 5.731   1.00 21.20 ? 88  HOH B O   1 
HETATM 479 O O   . HOH E 2 .  ? 3.939   16.108  -5.360  1.00 38.63 ? 89  HOH B O   1 
HETATM 480 O O   . HOH E 2 .  ? 0.073   18.526  -7.044  1.00 25.56 ? 90  HOH B O   1 
HETATM 481 O O   . HOH E 2 .  ? -1.112  -19.806 13.811  1.00 51.01 ? 95  HOH B O   1 
HETATM 482 O O   . HOH E 2 .  ? -6.329  4.056   -0.674  1.00 31.94 ? 97  HOH B O   1 
HETATM 483 O O   . HOH E 2 .  ? 2.018   19.212  -11.188 1.00 21.44 ? 98  HOH B O   1 
HETATM 484 O O   . HOH E 2 .  ? 6.388   14.839  -8.025  1.00 26.13 ? 99  HOH B O   1 
HETATM 485 O O   . HOH E 2 .  ? -6.767  -11.605 7.745   1.00 37.88 ? 102 HOH B O   1 
HETATM 486 O O   . HOH E 2 .  ? 5.929   3.219   3.107   1.00 26.92 ? 106 HOH B O   1 
HETATM 487 O O   . HOH E 2 .  ? 2.299   7.571   2.614   0.50 33.22 ? 107 HOH B O   1 
HETATM 488 O O   . HOH E 2 .  ? 1.556   13.507  -16.883 1.00 36.91 ? 115 HOH B O   1 
HETATM 489 O O   . HOH E 2 .  ? 1.284   11.919  -0.795  0.50 47.51 ? 116 HOH B O   1 
HETATM 490 O O   . HOH E 2 .  ? -3.261  20.451  -7.601  1.00 39.90 ? 118 HOH B O   1 
HETATM 491 O O   . HOH E 2 .  ? 0.501   8.494   -2.032  1.00 19.83 ? 119 HOH B O   1 
HETATM 492 O O   . HOH E 2 .  ? 5.187   -24.820 7.842   1.00 37.22 ? 122 HOH B O   1 
HETATM 493 O O   . HOH E 2 .  ? -5.705  -5.228  10.563  1.00 48.85 ? 123 HOH B O   1 
HETATM 494 O O   . HOH F 2 .  ? -2.741  7.840   -11.509 1.00 14.21 ? 27  HOH C O   1 
HETATM 495 O O   . HOH F 2 .  ? 7.911   -9.027  12.788  1.00 10.91 ? 28  HOH C O   1 
HETATM 496 O O   . HOH F 2 .  ? 5.618   16.479  -16.209 1.00 27.74 ? 30  HOH C O   1 
HETATM 497 O O   . HOH F 2 .  ? -3.825  8.463   -15.910 1.00 13.13 ? 31  HOH C O   1 
HETATM 498 O O   . HOH F 2 .  ? -1.162  4.596   4.496   1.00 30.00 ? 37  HOH C O   1 
HETATM 499 O O   . HOH F 2 .  ? 2.827   -11.650 16.208  1.00 39.48 ? 38  HOH C O   1 
HETATM 500 O O   . HOH F 2 .  ? -1.479  4.775   -13.810 1.00 17.14 ? 39  HOH C O   1 
HETATM 501 O O   . HOH F 2 .  ? 2.761   5.510   -13.192 1.00 56.48 ? 41  HOH C O   1 
HETATM 502 O O   . HOH F 2 .  ? 0.371   -0.468  10.922  1.00 12.21 ? 46  HOH C O   1 
HETATM 503 O O   . HOH F 2 .  ? 3.662   13.299  -12.999 1.00 46.58 ? 50  HOH C O   1 
HETATM 504 O O   . HOH F 2 .  ? 5.337   13.237  -16.059 1.00 61.58 ? 54  HOH C O   1 
HETATM 505 O O   . HOH F 2 .  ? -7.149  19.056  -22.198 1.00 40.47 ? 62  HOH C O   1 
HETATM 506 O O   . HOH F 2 .  ? 5.228   -9.619  16.655  1.00 19.11 ? 65  HOH C O   1 
HETATM 507 O O   . HOH F 2 .  ? 1.309   2.049   -5.394  1.00 11.24 ? 71  HOH C O   1 
HETATM 508 O O   . HOH F 2 .  ? -5.048  8.002   -13.234 1.00 12.51 ? 92  HOH C O   1 
HETATM 509 O O   . HOH F 2 .  ? -3.138  5.487   -16.201 1.00 14.33 ? 93  HOH C O   1 
HETATM 510 O O   . HOH F 2 .  ? 0.844   12.444  -14.039 1.00 21.01 ? 96  HOH C O   1 
HETATM 511 O O   . HOH F 2 .  ? -7.940  17.276  -16.725 1.00 32.78 ? 100 HOH C O   1 
HETATM 512 O O   . HOH F 2 .  ? 0.543   -24.047 21.184  1.00 52.94 ? 104 HOH C O   1 
HETATM 513 O O   . HOH F 2 .  ? 3.553   -23.785 22.203  1.00 52.90 ? 110 HOH C O   1 
HETATM 514 O O   . HOH F 2 .  ? 1.506   3.657   3.052   1.00 23.70 ? 112 HOH C O   1 
HETATM 515 O O   . HOH F 2 .  ? -6.620  5.591   -14.009 1.00 23.74 ? 114 HOH C O   1 
HETATM 516 O O   . HOH F 2 .  ? -4.790  2.092   5.828   1.00 25.35 ? 117 HOH C O   1 
HETATM 517 O O   . HOH F 2 .  ? 8.362   -6.693  1.711   1.00 32.67 ? 120 HOH C O   1 
HETATM 518 O O   . HOH F 2 .  ? 1.644   -28.950 18.011  1.00 36.73 ? 121 HOH C O   1 
HETATM 519 O O   . HOH F 2 .  ? 5.416   -26.904 18.720  1.00 33.17 ? 124 HOH C O   1 
HETATM 520 O O   . HOH F 2 .  ? 5.014   10.095  -13.992 1.00 46.70 ? 125 HOH C O   1 
HETATM 521 O O   . HOH F 2 .  ? -8.520  10.878  -13.948 1.00 20.77 ? 126 HOH C O   1 
HETATM 522 O O   . HOH F 2 .  ? 5.372   2.042   -5.691  1.00 42.38 ? 127 HOH C O   1 
HETATM 523 O O   . HOH F 2 .  ? -9.794  20.749  -16.436 1.00 38.89 ? 128 HOH C O   1 
# 
